data_6FDS
#
_entry.id   6FDS
#
_cell.length_a   112.720
_cell.length_b   120.170
_cell.length_c   68.170
_cell.angle_alpha   90.00
_cell.angle_beta   108.05
_cell.angle_gamma   90.00
#
_symmetry.space_group_name_H-M   'C 1 2 1'
#
loop_
_entity.id
_entity.type
_entity.pdbx_description
1 polymer Phosphodiesterase
2 non-polymer GUANIDINE
3 non-polymer '1-[2-[4-[(4~{a}~{S},8~{a}~{R})-4-(3,4-dimethoxyphenyl)-1-oxidanylidene-4~{a},5,8,8~{a}-tetrahydrophthalazin-2-yl]piperi din-1-yl]-2-oxidanylidene-ethyl]-4,4-dimethyl-piperidine-2,6-dione'
4 non-polymer 'ZINC ION'
5 non-polymer 'MAGNESIUM ION'
6 non-polymer GLYCEROL
7 water water
#
_entity_poly.entity_id   1
_entity_poly.type   'polypeptide(L)'
_entity_poly.pdbx_seq_one_letter_code
;GSHMASELNEHRATLFNKNVPSRAVKRVTAITKVEREAVLVCELPSFDVTDVEFDLFRARESTDKPLDVAAAIAYRLLLG
SGLPQKFGCSDEVLLNFILQCRKKYRNVPYHNFYHVVDVCQTIHTFLYRGNVYEKLTELECFVLLITALVHDLDHMGLNN
SFYLKTESPLGILSSASGNTSVLEVHHCNLAVEILSDPESDVFDGLEGAERTLAFRSMIDCVLATDMAKHGSALEAFLAS
AADQSSDEAAFHRMTMEIILKAGDISNVTKPFDISRQWAMAVTEEFYRQGDMEKERGVEVLPMFDRSKNMELAKGQIGFI
DFVAAPFFQKIVDACLQGMQWTVDRIKSNRAQWERVLETR
;
_entity_poly.pdbx_strand_id   A,B
#
loop_
_chem_comp.id
_chem_comp.type
_chem_comp.name
_chem_comp.formula
D5T non-polymer '1-[2-[4-[(4~{a}~{S},8~{a}~{R})-4-(3,4-dimethoxyphenyl)-1-oxidanylidene-4~{a},5,8,8~{a}-tetrahydrophthalazin-2-yl]piperi din-1-yl]-2-oxidanylidene-ethyl]-4,4-dimethyl-piperidine-2,6-dione' 'C30 H38 N4 O6'
GAI non-polymer GUANIDINE 'C H5 N3'
GOL non-polymer GLYCEROL 'C3 H8 O3'
MG non-polymer 'MAGNESIUM ION' 'Mg 2'
ZN non-polymer 'ZINC ION' 'Zn 2'
#
# COMPACT_ATOMS: atom_id res chain seq x y z
N VAL A 28 -6.38 -21.81 -40.98
CA VAL A 28 -5.35 -21.77 -39.88
C VAL A 28 -4.90 -23.20 -39.53
N THR A 29 -3.72 -23.34 -38.93
CA THR A 29 -3.25 -24.62 -38.39
C THR A 29 -4.16 -25.02 -37.23
N ALA A 30 -4.09 -26.28 -36.80
CA ALA A 30 -4.71 -26.78 -35.57
C ALA A 30 -3.70 -26.80 -34.42
N ILE A 31 -4.18 -27.06 -33.22
CA ILE A 31 -3.39 -27.01 -32.00
C ILE A 31 -2.98 -28.44 -31.65
N THR A 32 -1.68 -28.67 -31.60
CA THR A 32 -1.11 -30.00 -31.37
C THR A 32 -1.31 -30.40 -29.91
N LYS A 33 -1.19 -31.70 -29.64
CA LYS A 33 -1.46 -32.26 -28.31
C LYS A 33 -0.34 -31.95 -27.31
N VAL A 34 0.89 -31.73 -27.81
CA VAL A 34 2.05 -31.42 -26.94
C VAL A 34 1.88 -30.01 -26.33
N GLU A 35 1.45 -29.06 -27.16
CA GLU A 35 1.15 -27.68 -26.74
C GLU A 35 0.19 -27.63 -25.55
N ARG A 36 -0.88 -28.41 -25.62
CA ARG A 36 -1.86 -28.56 -24.51
C ARG A 36 -1.24 -29.09 -23.20
N GLU A 37 -0.40 -30.11 -23.32
CA GLU A 37 0.27 -30.71 -22.16
C GLU A 37 1.24 -29.71 -21.51
N ALA A 38 1.93 -28.90 -22.34
CA ALA A 38 2.82 -27.81 -21.87
C ALA A 38 2.09 -26.83 -20.94
N VAL A 39 0.83 -26.54 -21.26
CA VAL A 39 -0.03 -25.72 -20.41
C VAL A 39 -0.54 -26.57 -19.23
N LEU A 40 -1.14 -27.72 -19.53
CA LEU A 40 -1.79 -28.57 -18.49
C LEU A 40 -0.86 -28.88 -17.31
N VAL A 41 0.42 -29.12 -17.62
CA VAL A 41 1.45 -29.44 -16.62
C VAL A 41 1.66 -28.37 -15.55
N CYS A 42 1.54 -27.07 -15.90
CA CYS A 42 1.85 -25.98 -14.95
C CYS A 42 0.90 -26.01 -13.75
N GLU A 43 1.46 -26.07 -12.55
CA GLU A 43 0.67 -26.36 -11.34
C GLU A 43 0.39 -25.10 -10.52
N LEU A 44 1.14 -24.02 -10.78
CA LEU A 44 0.92 -22.71 -10.13
C LEU A 44 0.91 -22.73 -8.58
N PRO A 45 1.92 -23.34 -7.95
CA PRO A 45 1.96 -23.36 -6.48
C PRO A 45 2.13 -21.94 -5.86
N SER A 46 1.45 -21.71 -4.73
CA SER A 46 1.46 -20.43 -3.98
C SER A 46 0.74 -19.24 -4.65
N PHE A 47 -0.10 -19.50 -5.66
CA PHE A 47 -0.81 -18.47 -6.43
C PHE A 47 -2.31 -18.64 -6.35
N ASP A 48 -2.99 -17.66 -5.76
CA ASP A 48 -4.46 -17.60 -5.85
C ASP A 48 -4.84 -16.73 -7.06
N VAL A 49 -5.17 -17.37 -8.19
CA VAL A 49 -5.56 -16.64 -9.39
C VAL A 49 -6.79 -15.76 -9.22
N THR A 50 -7.60 -15.98 -8.19
CA THR A 50 -8.81 -15.18 -7.99
C THR A 50 -8.62 -13.98 -7.08
N ASP A 51 -7.37 -13.74 -6.64
CA ASP A 51 -7.16 -12.73 -5.63
C ASP A 51 -6.78 -11.42 -6.24
N VAL A 52 -7.28 -10.33 -5.65
CA VAL A 52 -6.98 -8.99 -6.12
C VAL A 52 -5.49 -8.63 -6.11
N GLU A 53 -4.70 -9.35 -5.30
CA GLU A 53 -3.27 -9.07 -5.19
C GLU A 53 -2.39 -10.05 -5.94
N PHE A 54 -3.00 -10.93 -6.71
CA PHE A 54 -2.28 -11.76 -7.62
C PHE A 54 -1.31 -10.93 -8.50
N ASP A 55 -0.10 -11.47 -8.62
CA ASP A 55 1.07 -10.86 -9.23
C ASP A 55 1.44 -11.66 -10.47
N LEU A 56 1.05 -11.16 -11.64
CA LEU A 56 1.38 -11.84 -12.89
C LEU A 56 2.88 -11.77 -13.19
N PHE A 57 3.56 -10.73 -12.69
CA PHE A 57 4.99 -10.56 -12.95
C PHE A 57 5.79 -11.69 -12.26
N ARG A 58 5.54 -11.88 -10.95
CA ARG A 58 6.03 -13.06 -10.20
C ARG A 58 5.76 -14.36 -10.94
N ALA A 59 4.52 -14.56 -11.38
CA ALA A 59 4.17 -15.77 -12.12
C ALA A 59 5.02 -16.00 -13.36
N ARG A 60 5.36 -14.92 -14.06
CA ARG A 60 6.20 -15.00 -15.27
C ARG A 60 7.68 -15.33 -14.98
N GLU A 61 8.20 -14.84 -13.86
CA GLU A 61 9.57 -15.09 -13.41
C GLU A 61 9.71 -16.46 -12.72
N SER A 62 8.59 -17.06 -12.32
CA SER A 62 8.60 -18.37 -11.67
C SER A 62 9.15 -19.54 -12.52
N THR A 63 9.25 -19.36 -13.84
CA THR A 63 9.72 -20.44 -14.72
C THR A 63 10.22 -19.86 -16.03
N ASP A 64 11.01 -20.64 -16.77
CA ASP A 64 11.17 -20.45 -18.22
C ASP A 64 9.85 -20.86 -18.88
N LYS A 65 9.65 -20.43 -20.12
CA LYS A 65 8.33 -20.53 -20.79
C LYS A 65 7.19 -19.89 -19.95
N PRO A 66 7.26 -18.57 -19.73
CA PRO A 66 6.13 -17.87 -19.12
C PRO A 66 4.85 -17.86 -19.98
N LEU A 67 4.98 -18.08 -21.29
CA LEU A 67 3.82 -18.18 -22.17
C LEU A 67 2.89 -19.36 -21.84
N ASP A 68 3.41 -20.41 -21.20
CA ASP A 68 2.60 -21.56 -20.78
C ASP A 68 1.98 -21.31 -19.42
N VAL A 69 2.69 -20.64 -18.52
CA VAL A 69 2.10 -20.24 -17.22
C VAL A 69 0.95 -19.23 -17.41
N ALA A 70 1.16 -18.29 -18.33
CA ALA A 70 0.15 -17.30 -18.72
C ALA A 70 -1.15 -17.98 -19.15
N ALA A 71 -1.00 -18.90 -20.11
CA ALA A 71 -2.14 -19.66 -20.61
C ALA A 71 -2.81 -20.51 -19.54
N ALA A 72 -2.01 -20.98 -18.59
CA ALA A 72 -2.54 -21.83 -17.53
C ALA A 72 -3.40 -21.05 -16.60
N ILE A 73 -2.98 -19.81 -16.35
CA ILE A 73 -3.76 -18.87 -15.53
C ILE A 73 -5.15 -18.62 -16.15
N ALA A 74 -5.20 -18.47 -17.48
CA ALA A 74 -6.45 -18.24 -18.19
C ALA A 74 -7.34 -19.46 -18.13
N TYR A 75 -6.76 -20.62 -18.46
CA TYR A 75 -7.42 -21.93 -18.31
C TYR A 75 -8.08 -22.06 -16.96
N ARG A 76 -7.31 -21.83 -15.90
CA ARG A 76 -7.82 -22.08 -14.57
C ARG A 76 -8.88 -21.08 -14.17
N LEU A 77 -8.72 -19.84 -14.60
CA LEU A 77 -9.74 -18.84 -14.28
C LEU A 77 -11.06 -19.29 -14.89
N LEU A 78 -11.05 -19.61 -16.17
CA LEU A 78 -12.28 -19.96 -16.84
C LEU A 78 -12.95 -21.25 -16.27
N LEU A 79 -12.17 -22.29 -15.91
CA LEU A 79 -12.73 -23.45 -15.17
C LEU A 79 -13.35 -23.08 -13.81
N GLY A 80 -12.58 -22.41 -12.94
CA GLY A 80 -13.05 -22.03 -11.60
C GLY A 80 -14.29 -21.14 -11.51
N SER A 81 -14.62 -20.49 -12.62
CA SER A 81 -15.88 -19.73 -12.73
C SER A 81 -17.11 -20.65 -12.81
N GLY A 82 -16.90 -21.84 -13.37
CA GLY A 82 -17.96 -22.83 -13.52
C GLY A 82 -18.65 -22.67 -14.86
N LEU A 83 -18.16 -21.75 -15.70
CA LEU A 83 -18.99 -21.21 -16.77
C LEU A 83 -18.89 -21.92 -18.12
N PRO A 84 -17.69 -22.29 -18.57
CA PRO A 84 -17.68 -23.00 -19.87
C PRO A 84 -18.55 -24.31 -19.94
N GLN A 85 -18.46 -25.12 -18.89
CA GLN A 85 -19.23 -26.35 -18.72
C GLN A 85 -20.73 -26.10 -18.95
N LYS A 86 -21.27 -25.06 -18.31
CA LYS A 86 -22.70 -24.72 -18.47
C LYS A 86 -23.11 -24.31 -19.89
N PHE A 87 -22.17 -23.88 -20.73
CA PHE A 87 -22.51 -23.47 -22.08
C PHE A 87 -21.97 -24.42 -23.15
N GLY A 88 -21.74 -25.67 -22.73
CA GLY A 88 -21.27 -26.74 -23.62
C GLY A 88 -19.94 -26.47 -24.29
N CYS A 89 -18.98 -25.95 -23.53
CA CYS A 89 -17.66 -25.73 -24.03
C CYS A 89 -16.80 -26.69 -23.25
N SER A 90 -16.17 -27.60 -24.01
CA SER A 90 -15.29 -28.64 -23.44
C SER A 90 -13.97 -28.08 -22.92
N ASP A 91 -13.46 -28.72 -21.86
CA ASP A 91 -12.09 -28.46 -21.37
C ASP A 91 -11.04 -28.38 -22.52
N GLU A 92 -11.26 -29.11 -23.62
CA GLU A 92 -10.33 -29.11 -24.73
C GLU A 92 -10.42 -27.87 -25.61
N VAL A 93 -11.59 -27.57 -26.23
CA VAL A 93 -11.68 -26.40 -27.14
C VAL A 93 -11.39 -25.07 -26.41
N LEU A 94 -11.63 -25.01 -25.10
CA LEU A 94 -11.19 -23.89 -24.28
C LEU A 94 -9.69 -23.67 -24.43
N LEU A 95 -8.92 -24.73 -24.22
CA LEU A 95 -7.47 -24.66 -24.29
C LEU A 95 -7.00 -24.33 -25.71
N ASN A 96 -7.65 -24.89 -26.71
CA ASN A 96 -7.36 -24.53 -28.11
C ASN A 96 -7.56 -23.03 -28.37
N PHE A 97 -8.69 -22.52 -27.85
CA PHE A 97 -9.11 -21.12 -28.04
C PHE A 97 -8.05 -20.21 -27.49
N ILE A 98 -7.64 -20.47 -26.26
CA ILE A 98 -6.58 -19.69 -25.60
C ILE A 98 -5.32 -19.67 -26.47
N LEU A 99 -4.89 -20.85 -26.93
CA LEU A 99 -3.63 -20.95 -27.68
C LEU A 99 -3.74 -20.35 -29.07
N GLN A 100 -4.89 -20.47 -29.72
CA GLN A 100 -5.09 -19.68 -30.94
C GLN A 100 -4.99 -18.15 -30.67
N CYS A 101 -5.51 -17.69 -29.53
CA CYS A 101 -5.41 -16.28 -29.14
C CYS A 101 -3.94 -15.95 -28.94
N ARG A 102 -3.25 -16.73 -28.12
CA ARG A 102 -1.84 -16.47 -27.78
C ARG A 102 -0.95 -16.25 -29.00
N LYS A 103 -1.09 -17.14 -29.99
CA LYS A 103 -0.32 -17.07 -31.22
C LYS A 103 -0.54 -15.80 -32.04
N LYS A 104 -1.65 -15.09 -31.85
CA LYS A 104 -1.84 -13.82 -32.54
C LYS A 104 -1.34 -12.63 -31.72
N TYR A 105 -0.73 -12.85 -30.56
CA TYR A 105 -0.10 -11.76 -29.80
C TYR A 105 1.39 -11.70 -30.10
N ARG A 106 1.86 -10.50 -30.41
CA ARG A 106 3.25 -10.30 -30.76
C ARG A 106 4.13 -10.04 -29.55
N ASN A 107 5.44 -10.03 -29.79
CA ASN A 107 6.42 -9.84 -28.74
C ASN A 107 6.75 -8.34 -28.63
N VAL A 108 5.78 -7.55 -28.18
CA VAL A 108 5.95 -6.09 -27.94
C VAL A 108 5.98 -5.85 -26.44
N PRO A 109 6.38 -4.66 -25.97
CA PRO A 109 6.60 -4.55 -24.52
C PRO A 109 5.34 -4.61 -23.64
N TYR A 110 4.20 -4.06 -24.09
CA TYR A 110 2.98 -3.97 -23.26
C TYR A 110 1.83 -4.77 -23.82
N HIS A 111 1.43 -4.46 -25.07
CA HIS A 111 0.28 -5.10 -25.68
C HIS A 111 0.54 -6.52 -26.19
N ASN A 112 0.95 -7.37 -25.28
CA ASN A 112 1.36 -8.74 -25.59
C ASN A 112 0.37 -9.66 -24.90
N PHE A 113 0.68 -10.96 -24.84
CA PHE A 113 -0.26 -11.91 -24.30
C PHE A 113 -0.51 -11.71 -22.79
N TYR A 114 0.50 -11.23 -22.09
CA TYR A 114 0.40 -11.08 -20.65
C TYR A 114 -0.62 -9.98 -20.27
N HIS A 115 -0.71 -8.90 -21.04
CA HIS A 115 -1.72 -7.86 -20.87
C HIS A 115 -3.11 -8.43 -20.90
N VAL A 116 -3.40 -9.29 -21.87
CA VAL A 116 -4.79 -9.81 -22.00
C VAL A 116 -5.12 -10.84 -20.95
N VAL A 117 -4.13 -11.60 -20.50
CA VAL A 117 -4.35 -12.51 -19.37
C VAL A 117 -4.59 -11.70 -18.12
N ASP A 118 -3.84 -10.64 -17.93
CA ASP A 118 -4.07 -9.71 -16.83
C ASP A 118 -5.49 -9.14 -16.85
N VAL A 119 -5.97 -8.76 -18.03
CA VAL A 119 -7.31 -8.18 -18.14
C VAL A 119 -8.32 -9.24 -17.81
N CYS A 120 -8.09 -10.47 -18.29
CA CYS A 120 -8.96 -11.60 -17.90
C CYS A 120 -9.03 -11.80 -16.36
N GLN A 121 -7.86 -11.93 -15.75
CA GLN A 121 -7.78 -12.16 -14.29
C GLN A 121 -8.43 -10.99 -13.51
N THR A 122 -8.17 -9.77 -13.96
CA THR A 122 -8.68 -8.61 -13.29
C THR A 122 -10.21 -8.54 -13.38
N ILE A 123 -10.74 -8.85 -14.57
CA ILE A 123 -12.18 -8.87 -14.78
C ILE A 123 -12.82 -9.92 -13.88
N HIS A 124 -12.18 -11.07 -13.75
CA HIS A 124 -12.67 -12.14 -12.81
C HIS A 124 -12.78 -11.58 -11.39
N THR A 125 -11.79 -10.82 -10.91
CA THR A 125 -11.91 -10.18 -9.59
C THR A 125 -13.06 -9.15 -9.50
N PHE A 126 -13.25 -8.32 -10.54
CA PHE A 126 -14.39 -7.36 -10.49
C PHE A 126 -15.73 -8.08 -10.44
N LEU A 127 -15.86 -9.16 -11.22
CA LEU A 127 -17.09 -9.93 -11.24
C LEU A 127 -17.35 -10.64 -9.91
N TYR A 128 -16.34 -11.29 -9.35
CA TYR A 128 -16.54 -12.19 -8.20
C TYR A 128 -16.21 -11.63 -6.81
N ARG A 129 -15.12 -10.90 -6.70
CA ARG A 129 -14.84 -10.14 -5.48
C ARG A 129 -15.64 -8.84 -5.44
N GLY A 130 -15.85 -8.20 -6.60
CA GLY A 130 -16.58 -6.95 -6.64
C GLY A 130 -18.07 -7.08 -6.74
N ASN A 131 -18.53 -8.32 -6.83
CA ASN A 131 -19.97 -8.62 -6.96
C ASN A 131 -20.65 -8.05 -8.19
N VAL A 132 -19.85 -7.76 -9.23
CA VAL A 132 -20.48 -7.28 -10.45
C VAL A 132 -21.21 -8.44 -11.17
N TYR A 133 -20.87 -9.70 -10.88
CA TYR A 133 -21.65 -10.81 -11.42
C TYR A 133 -23.15 -10.63 -11.15
N GLU A 134 -23.52 -9.99 -10.03
CA GLU A 134 -24.96 -9.84 -9.70
C GLU A 134 -25.71 -9.10 -10.75
N LYS A 135 -25.03 -8.23 -11.49
CA LYS A 135 -25.67 -7.33 -12.49
C LYS A 135 -25.82 -7.95 -13.87
N LEU A 136 -25.27 -9.17 -14.06
CA LEU A 136 -25.12 -9.82 -15.40
C LEU A 136 -25.67 -11.23 -15.36
N THR A 137 -26.04 -11.76 -16.49
CA THR A 137 -26.31 -13.17 -16.60
C THR A 137 -25.00 -13.91 -16.57
N GLU A 138 -25.07 -15.20 -16.33
CA GLU A 138 -23.94 -16.11 -16.44
C GLU A 138 -23.29 -16.14 -17.85
N LEU A 139 -24.11 -16.17 -18.90
CA LEU A 139 -23.60 -16.05 -20.27
C LEU A 139 -22.75 -14.77 -20.40
N GLU A 140 -23.30 -13.63 -19.96
CA GLU A 140 -22.57 -12.40 -20.07
C GLU A 140 -21.23 -12.48 -19.31
N CYS A 141 -21.20 -13.10 -18.12
CA CYS A 141 -19.89 -13.26 -17.40
C CYS A 141 -18.85 -14.08 -18.18
N PHE A 142 -19.33 -15.16 -18.77
CA PHE A 142 -18.51 -16.05 -19.60
C PHE A 142 -17.97 -15.28 -20.80
N VAL A 143 -18.85 -14.53 -21.47
CA VAL A 143 -18.39 -13.72 -22.63
C VAL A 143 -17.33 -12.71 -22.25
N LEU A 144 -17.45 -12.08 -21.09
CA LEU A 144 -16.41 -11.11 -20.68
C LEU A 144 -15.06 -11.75 -20.49
N LEU A 145 -15.03 -12.86 -19.77
CA LEU A 145 -13.77 -13.55 -19.57
C LEU A 145 -13.07 -13.96 -20.92
N ILE A 146 -13.86 -14.43 -21.89
CA ILE A 146 -13.40 -14.76 -23.24
C ILE A 146 -12.93 -13.53 -23.98
N THR A 147 -13.76 -12.49 -23.96
CA THR A 147 -13.46 -11.27 -24.67
C THR A 147 -12.15 -10.60 -24.21
N ALA A 148 -11.86 -10.64 -22.93
CA ALA A 148 -10.58 -10.20 -22.43
C ALA A 148 -9.40 -10.70 -23.27
N LEU A 149 -9.47 -11.99 -23.59
CA LEU A 149 -8.38 -12.68 -24.28
C LEU A 149 -8.25 -12.33 -25.75
N VAL A 150 -9.32 -11.84 -26.39
CA VAL A 150 -9.29 -11.41 -27.79
C VAL A 150 -9.12 -9.92 -27.98
N HIS A 151 -9.19 -9.11 -26.93
CA HIS A 151 -9.54 -7.67 -27.13
C HIS A 151 -8.47 -6.81 -27.78
N ASP A 152 -7.24 -7.37 -27.88
CA ASP A 152 -6.10 -6.70 -28.48
C ASP A 152 -5.34 -7.60 -29.50
N LEU A 153 -6.01 -8.56 -30.11
CA LEU A 153 -5.30 -9.53 -31.00
C LEU A 153 -4.48 -8.82 -32.08
N ASP A 154 -3.23 -9.24 -32.27
CA ASP A 154 -2.31 -8.73 -33.34
C ASP A 154 -1.94 -7.27 -33.17
N HIS A 155 -1.89 -6.82 -31.91
CA HIS A 155 -1.41 -5.46 -31.61
C HIS A 155 0.09 -5.39 -31.95
N MET A 156 0.51 -4.32 -32.60
CA MET A 156 1.89 -4.23 -33.14
C MET A 156 2.62 -3.13 -32.39
N GLY A 157 2.08 -2.69 -31.27
CA GLY A 157 2.74 -1.71 -30.44
C GLY A 157 2.60 -0.28 -30.89
N LEU A 158 1.71 -0.05 -31.82
CA LEU A 158 1.48 1.25 -32.37
C LEU A 158 0.02 1.56 -32.14
N ASN A 159 -0.29 2.81 -31.84
CA ASN A 159 -1.69 3.21 -31.60
C ASN A 159 -2.47 3.58 -32.89
N ASN A 160 -3.78 3.81 -32.76
CA ASN A 160 -4.66 4.15 -33.89
C ASN A 160 -4.13 5.38 -34.64
N SER A 161 -3.77 6.40 -33.90
CA SER A 161 -3.16 7.63 -34.49
C SER A 161 -1.98 7.36 -35.49
N PHE A 162 -1.12 6.41 -35.15
CA PHE A 162 0.01 6.08 -35.99
C PHE A 162 -0.41 5.59 -37.38
N TYR A 163 -1.47 4.79 -37.41
CA TYR A 163 -1.95 4.24 -38.65
C TYR A 163 -2.62 5.33 -39.51
N LEU A 164 -3.23 6.32 -38.89
CA LEU A 164 -3.89 7.38 -39.62
C LEU A 164 -2.85 8.34 -40.23
N LYS A 165 -1.99 8.92 -39.41
CA LYS A 165 -0.95 9.84 -39.87
C LYS A 165 0.01 9.27 -40.93
N THR A 166 0.28 7.96 -40.91
CA THR A 166 1.17 7.34 -41.90
C THR A 166 0.42 6.69 -43.09
N GLU A 167 -0.90 6.91 -43.14
CA GLU A 167 -1.78 6.36 -44.17
C GLU A 167 -1.39 4.94 -44.50
N SER A 168 -1.26 4.10 -43.50
CA SER A 168 -0.95 2.69 -43.75
C SER A 168 -2.23 1.93 -44.21
N PRO A 169 -2.09 0.70 -44.73
CA PRO A 169 -3.29 0.05 -45.27
C PRO A 169 -4.47 -0.11 -44.31
N LEU A 170 -4.20 -0.46 -43.05
CA LEU A 170 -5.26 -0.60 -42.05
C LEU A 170 -5.94 0.71 -41.74
N GLY A 171 -5.18 1.78 -41.68
CA GLY A 171 -5.74 3.10 -41.50
C GLY A 171 -6.61 3.48 -42.69
N ILE A 172 -6.13 3.11 -43.88
CA ILE A 172 -6.86 3.44 -45.10
C ILE A 172 -8.17 2.68 -45.11
N LEU A 173 -8.05 1.38 -44.88
CA LEU A 173 -9.19 0.44 -44.84
C LEU A 173 -10.24 0.82 -43.82
N SER A 174 -9.81 1.27 -42.65
CA SER A 174 -10.73 1.72 -41.60
C SER A 174 -11.34 3.09 -41.96
N SER A 175 -10.52 4.01 -42.45
CA SER A 175 -11.04 5.29 -42.93
C SER A 175 -12.10 5.12 -44.06
N ALA A 176 -11.86 4.19 -45.00
CA ALA A 176 -12.81 3.94 -46.09
C ALA A 176 -14.15 3.31 -45.64
N SER A 177 -14.14 2.50 -44.57
CA SER A 177 -15.39 1.93 -44.01
C SER A 177 -16.06 2.83 -42.92
N GLY A 178 -15.58 4.06 -42.69
CA GLY A 178 -16.20 4.97 -41.70
C GLY A 178 -15.61 4.99 -40.27
N ASN A 179 -15.16 3.85 -39.72
CA ASN A 179 -14.72 3.78 -38.30
C ASN A 179 -13.25 4.21 -38.06
N THR A 180 -13.06 5.21 -37.20
CA THR A 180 -11.71 5.69 -36.80
C THR A 180 -11.00 4.80 -35.77
N SER A 181 -11.69 3.75 -35.31
CA SER A 181 -11.15 2.76 -34.39
C SER A 181 -10.41 1.69 -35.17
N VAL A 182 -9.25 2.10 -35.69
CA VAL A 182 -8.45 1.26 -36.55
C VAL A 182 -8.15 -0.11 -35.99
N LEU A 183 -7.51 -0.19 -34.82
CA LEU A 183 -7.10 -1.52 -34.25
C LEU A 183 -8.28 -2.37 -33.74
N GLU A 184 -9.29 -1.70 -33.20
CA GLU A 184 -10.37 -2.43 -32.55
C GLU A 184 -11.19 -3.21 -33.58
N VAL A 185 -11.47 -2.58 -34.69
CA VAL A 185 -12.09 -3.30 -35.82
C VAL A 185 -11.20 -4.47 -36.20
N HIS A 186 -9.91 -4.23 -36.30
CA HIS A 186 -8.94 -5.33 -36.62
C HIS A 186 -9.00 -6.46 -35.61
N HIS A 187 -8.96 -6.14 -34.31
CA HIS A 187 -9.03 -7.20 -33.27
C HIS A 187 -10.35 -7.99 -33.40
N CYS A 188 -11.45 -7.28 -33.64
CA CYS A 188 -12.73 -7.99 -33.87
C CYS A 188 -12.62 -8.98 -35.06
N ASN A 189 -12.12 -8.50 -36.22
CA ASN A 189 -12.02 -9.35 -37.43
C ASN A 189 -11.28 -10.62 -37.04
N LEU A 190 -10.21 -10.51 -36.26
CA LEU A 190 -9.42 -11.70 -35.87
C LEU A 190 -10.06 -12.58 -34.81
N ALA A 191 -10.85 -11.95 -33.94
CA ALA A 191 -11.63 -12.72 -32.98
C ALA A 191 -12.63 -13.58 -33.73
N VAL A 192 -13.40 -12.93 -34.63
CA VAL A 192 -14.43 -13.62 -35.43
C VAL A 192 -13.81 -14.73 -36.32
N GLU A 193 -12.60 -14.49 -36.81
CA GLU A 193 -11.84 -15.51 -37.54
C GLU A 193 -11.45 -16.70 -36.60
N ILE A 194 -10.90 -16.46 -35.41
CA ILE A 194 -10.54 -17.61 -34.53
C ILE A 194 -11.75 -18.46 -34.14
N LEU A 195 -12.87 -17.80 -33.95
CA LEU A 195 -14.09 -18.48 -33.52
C LEU A 195 -14.75 -19.24 -34.68
N SER A 196 -14.46 -18.82 -35.93
CA SER A 196 -14.97 -19.55 -37.11
C SER A 196 -14.33 -20.93 -37.37
N ASP A 197 -13.26 -21.30 -36.67
CA ASP A 197 -12.80 -22.71 -36.59
C ASP A 197 -13.46 -23.46 -35.42
N PRO A 198 -14.36 -24.44 -35.70
CA PRO A 198 -15.00 -25.25 -34.66
C PRO A 198 -14.17 -25.87 -33.54
N GLU A 199 -12.88 -26.12 -33.74
CA GLU A 199 -12.11 -26.74 -32.65
C GLU A 199 -11.62 -25.71 -31.61
N SER A 200 -11.77 -24.43 -31.93
CA SER A 200 -11.52 -23.32 -30.99
C SER A 200 -12.78 -22.40 -30.75
N ASP A 201 -13.99 -22.90 -31.04
CA ASP A 201 -15.20 -22.07 -30.95
C ASP A 201 -15.84 -22.35 -29.61
N VAL A 202 -15.48 -21.48 -28.64
CA VAL A 202 -15.98 -21.57 -27.27
C VAL A 202 -17.50 -21.19 -27.15
N PHE A 203 -18.07 -20.61 -28.20
CA PHE A 203 -19.50 -20.34 -28.29
C PHE A 203 -20.26 -21.36 -29.16
N ASP A 204 -19.64 -22.49 -29.55
CA ASP A 204 -20.28 -23.45 -30.45
C ASP A 204 -21.42 -24.20 -29.75
N GLY A 205 -21.29 -24.41 -28.44
CA GLY A 205 -22.35 -24.95 -27.61
C GLY A 205 -23.58 -24.09 -27.39
N LEU A 206 -23.67 -22.92 -28.02
CA LEU A 206 -24.78 -21.98 -27.83
C LEU A 206 -25.61 -21.96 -29.07
N GLU A 207 -26.89 -21.61 -28.91
CA GLU A 207 -27.88 -21.62 -30.01
C GLU A 207 -28.70 -20.34 -29.97
N GLY A 208 -29.31 -20.02 -31.10
CA GLY A 208 -30.31 -18.97 -31.17
C GLY A 208 -29.85 -17.66 -30.57
N ALA A 209 -30.74 -16.99 -29.86
CA ALA A 209 -30.45 -15.67 -29.28
C ALA A 209 -29.19 -15.64 -28.41
N GLU A 210 -28.87 -16.75 -27.74
CA GLU A 210 -27.67 -16.85 -26.88
C GLU A 210 -26.38 -16.74 -27.66
N ARG A 211 -26.31 -17.48 -28.77
CA ARG A 211 -25.17 -17.47 -29.68
C ARG A 211 -24.96 -16.10 -30.31
N THR A 212 -26.04 -15.54 -30.84
CA THR A 212 -26.02 -14.18 -31.36
C THR A 212 -25.50 -13.15 -30.33
N LEU A 213 -25.99 -13.26 -29.09
CA LEU A 213 -25.62 -12.33 -28.03
C LEU A 213 -24.15 -12.48 -27.66
N ALA A 214 -23.60 -13.72 -27.64
CA ALA A 214 -22.16 -13.87 -27.38
C ALA A 214 -21.29 -13.08 -28.37
N PHE A 215 -21.59 -13.20 -29.67
CA PHE A 215 -20.85 -12.50 -30.70
C PHE A 215 -21.05 -11.01 -30.65
N ARG A 216 -22.32 -10.57 -30.59
CA ARG A 216 -22.60 -9.14 -30.62
C ARG A 216 -22.01 -8.42 -29.38
N SER A 217 -22.06 -9.08 -28.23
CA SER A 217 -21.58 -8.45 -27.00
C SER A 217 -20.07 -8.45 -27.00
N MET A 218 -19.43 -9.55 -27.42
CA MET A 218 -17.96 -9.59 -27.60
C MET A 218 -17.45 -8.44 -28.45
N ILE A 219 -18.04 -8.29 -29.62
CA ILE A 219 -17.63 -7.26 -30.57
C ILE A 219 -17.89 -5.85 -30.01
N ASP A 220 -19.08 -5.62 -29.45
CA ASP A 220 -19.40 -4.30 -28.90
C ASP A 220 -18.38 -3.96 -27.81
N CYS A 221 -17.99 -4.95 -26.99
CA CYS A 221 -17.06 -4.69 -25.88
C CYS A 221 -15.66 -4.30 -26.41
N VAL A 222 -15.14 -5.07 -27.38
CA VAL A 222 -13.84 -4.75 -28.00
C VAL A 222 -13.85 -3.37 -28.65
N LEU A 223 -14.92 -3.03 -29.36
CA LEU A 223 -15.00 -1.68 -29.97
C LEU A 223 -15.03 -0.54 -28.94
N ALA A 224 -15.59 -0.81 -27.77
CA ALA A 224 -15.65 0.21 -26.71
C ALA A 224 -14.33 0.38 -25.99
N THR A 225 -13.34 -0.49 -26.24
CA THR A 225 -11.98 -0.27 -25.74
C THR A 225 -11.19 0.88 -26.40
N ASP A 226 -11.68 1.45 -27.49
CA ASP A 226 -11.00 2.60 -28.10
C ASP A 226 -11.08 3.80 -27.16
N MET A 227 -9.96 4.22 -26.60
CA MET A 227 -9.95 5.35 -25.63
C MET A 227 -10.37 6.71 -26.21
N ALA A 228 -10.44 6.86 -27.53
CA ALA A 228 -11.03 8.06 -28.14
C ALA A 228 -12.50 8.16 -27.80
N LYS A 229 -13.14 7.01 -27.56
CA LYS A 229 -14.53 6.94 -27.15
C LYS A 229 -14.74 6.85 -25.62
N HIS A 230 -13.67 7.07 -24.84
CA HIS A 230 -13.72 6.85 -23.39
C HIS A 230 -14.86 7.62 -22.72
N GLY A 231 -14.86 8.95 -22.91
CA GLY A 231 -15.85 9.87 -22.32
C GLY A 231 -17.28 9.52 -22.66
N SER A 232 -17.52 9.26 -23.94
CA SER A 232 -18.84 8.84 -24.45
C SER A 232 -19.39 7.56 -23.79
N ALA A 233 -18.54 6.56 -23.62
CA ALA A 233 -18.99 5.27 -23.06
C ALA A 233 -19.25 5.43 -21.55
N LEU A 234 -18.37 6.13 -20.87
CA LEU A 234 -18.56 6.40 -19.45
C LEU A 234 -19.86 7.12 -19.16
N GLU A 235 -20.09 8.18 -19.91
CA GLU A 235 -21.25 9.03 -19.73
C GLU A 235 -22.55 8.31 -20.03
N ALA A 236 -22.58 7.43 -21.04
CA ALA A 236 -23.78 6.61 -21.29
C ALA A 236 -24.06 5.55 -20.24
N PHE A 237 -23.02 4.92 -19.72
CA PHE A 237 -23.20 3.95 -18.62
C PHE A 237 -23.76 4.63 -17.37
N LEU A 238 -23.17 5.76 -17.00
CA LEU A 238 -23.63 6.50 -15.81
C LEU A 238 -25.05 6.99 -15.94
N ALA A 239 -25.40 7.52 -17.12
CA ALA A 239 -26.80 7.92 -17.42
C ALA A 239 -27.77 6.77 -17.31
N SER A 240 -27.37 5.59 -17.81
CA SER A 240 -28.21 4.41 -17.71
C SER A 240 -28.38 3.91 -16.26
N ALA A 241 -27.30 3.97 -15.47
CA ALA A 241 -27.36 3.54 -14.06
C ALA A 241 -28.17 4.48 -13.13
N ALA A 242 -28.23 5.77 -13.45
CA ALA A 242 -29.03 6.74 -12.68
C ALA A 242 -30.53 6.60 -12.94
N ASP A 243 -30.88 6.07 -14.12
CA ASP A 243 -32.25 5.92 -14.57
C ASP A 243 -32.80 4.53 -14.23
N GLN A 244 -33.78 4.50 -13.31
CA GLN A 244 -34.52 3.26 -12.93
C GLN A 244 -35.25 2.65 -14.11
N SER A 245 -35.68 3.50 -15.06
CA SER A 245 -36.43 3.04 -16.21
C SER A 245 -35.55 2.79 -17.42
N SER A 246 -34.22 2.72 -17.30
CA SER A 246 -33.39 2.30 -18.45
C SER A 246 -33.78 0.96 -19.05
N ASP A 247 -33.76 0.87 -20.37
CA ASP A 247 -33.84 -0.45 -21.04
C ASP A 247 -32.84 -1.41 -20.41
N GLU A 248 -33.29 -2.60 -20.06
CA GLU A 248 -32.51 -3.48 -19.22
C GLU A 248 -31.39 -4.11 -20.05
N ALA A 249 -31.72 -4.63 -21.21
CA ALA A 249 -30.74 -5.20 -22.13
C ALA A 249 -29.57 -4.22 -22.44
N ALA A 250 -29.92 -2.95 -22.62
CA ALA A 250 -28.95 -1.89 -22.86
C ALA A 250 -28.04 -1.61 -21.66
N PHE A 251 -28.60 -1.68 -20.46
CA PHE A 251 -27.79 -1.48 -19.27
C PHE A 251 -26.81 -2.68 -19.08
N HIS A 252 -27.26 -3.88 -19.40
CA HIS A 252 -26.38 -5.08 -19.36
C HIS A 252 -25.22 -4.90 -20.32
N ARG A 253 -25.48 -4.42 -21.52
CA ARG A 253 -24.46 -4.27 -22.55
C ARG A 253 -23.44 -3.21 -22.16
N MET A 254 -23.93 -2.07 -21.67
CA MET A 254 -23.03 -0.99 -21.21
C MET A 254 -22.19 -1.40 -20.00
N THR A 255 -22.74 -2.24 -19.15
CA THR A 255 -22.02 -2.72 -17.98
C THR A 255 -20.92 -3.66 -18.45
N MET A 256 -21.21 -4.52 -19.45
CA MET A 256 -20.15 -5.37 -20.02
C MET A 256 -19.01 -4.52 -20.60
N GLU A 257 -19.36 -3.56 -21.42
CA GLU A 257 -18.38 -2.65 -21.99
C GLU A 257 -17.58 -1.91 -20.94
N ILE A 258 -18.26 -1.44 -19.87
CA ILE A 258 -17.58 -0.70 -18.80
C ILE A 258 -16.59 -1.60 -18.05
N ILE A 259 -16.97 -2.84 -17.81
CA ILE A 259 -16.12 -3.77 -17.11
C ILE A 259 -14.86 -4.13 -17.92
N LEU A 260 -14.99 -4.37 -19.23
CA LEU A 260 -13.78 -4.61 -20.06
C LEU A 260 -12.95 -3.36 -20.08
N LYS A 261 -13.58 -2.16 -20.22
CA LYS A 261 -12.79 -0.93 -20.14
C LYS A 261 -12.10 -0.81 -18.80
N ALA A 262 -12.81 -1.16 -17.74
CA ALA A 262 -12.24 -1.11 -16.41
C ALA A 262 -11.02 -2.02 -16.30
N GLY A 263 -11.14 -3.25 -16.79
CA GLY A 263 -10.00 -4.15 -16.81
C GLY A 263 -8.81 -3.58 -17.59
N ASP A 264 -9.11 -2.94 -18.71
CA ASP A 264 -8.12 -2.41 -19.58
C ASP A 264 -7.32 -1.28 -18.96
N ILE A 265 -7.92 -0.50 -18.05
CA ILE A 265 -7.23 0.60 -17.37
C ILE A 265 -7.01 0.28 -15.91
N SER A 266 -6.88 -1.01 -15.59
CA SER A 266 -6.85 -1.50 -14.21
C SER A 266 -5.45 -1.53 -13.58
N ASN A 267 -4.41 -1.21 -14.35
CA ASN A 267 -3.02 -1.30 -13.86
C ASN A 267 -2.78 -0.40 -12.59
N VAL A 268 -3.36 0.80 -12.59
CA VAL A 268 -3.26 1.66 -11.43
C VAL A 268 -4.08 1.25 -10.17
N THR A 269 -4.87 0.16 -10.26
CA THR A 269 -5.66 -0.37 -9.16
C THR A 269 -4.99 -1.54 -8.46
N LYS A 270 -3.74 -1.81 -8.80
CA LYS A 270 -3.01 -2.97 -8.27
C LYS A 270 -1.97 -2.54 -7.21
N PRO A 271 -1.44 -3.52 -6.43
CA PRO A 271 -0.34 -3.20 -5.52
C PRO A 271 0.78 -2.48 -6.24
N PHE A 272 1.35 -1.49 -5.57
CA PHE A 272 2.24 -0.51 -6.20
C PHE A 272 3.34 -1.12 -7.05
N ASP A 273 4.00 -2.15 -6.56
CA ASP A 273 5.09 -2.75 -7.31
C ASP A 273 4.61 -3.35 -8.65
N ILE A 274 3.40 -3.88 -8.66
CA ILE A 274 2.80 -4.40 -9.90
C ILE A 274 2.45 -3.25 -10.84
N SER A 275 1.79 -2.26 -10.26
CA SER A 275 1.43 -1.06 -10.98
C SER A 275 2.62 -0.39 -11.62
N ARG A 276 3.76 -0.37 -10.93
CA ARG A 276 5.02 0.22 -11.46
C ARG A 276 5.55 -0.59 -12.65
N GLN A 277 5.50 -1.90 -12.53
CA GLN A 277 5.99 -2.73 -13.62
C GLN A 277 5.15 -2.54 -14.89
N TRP A 278 3.83 -2.40 -14.73
CA TRP A 278 2.99 -2.14 -15.86
C TRP A 278 3.34 -0.79 -16.47
N ALA A 279 3.57 0.20 -15.63
CA ALA A 279 3.94 1.55 -16.15
C ALA A 279 5.27 1.53 -16.90
N MET A 280 6.21 0.70 -16.47
CA MET A 280 7.48 0.60 -17.20
C MET A 280 7.28 0.00 -18.59
N ALA A 281 6.48 -1.08 -18.66
CA ALA A 281 6.25 -1.76 -19.94
C ALA A 281 5.55 -0.82 -20.93
N VAL A 282 4.52 -0.11 -20.47
CA VAL A 282 3.78 0.82 -21.33
C VAL A 282 4.70 1.91 -21.85
N THR A 283 5.51 2.46 -20.96
CA THR A 283 6.39 3.56 -21.32
C THR A 283 7.39 3.16 -22.42
N GLU A 284 8.03 2.00 -22.28
CA GLU A 284 8.93 1.53 -23.32
C GLU A 284 8.21 1.34 -24.68
N GLU A 285 6.96 0.84 -24.65
CA GLU A 285 6.22 0.64 -25.90
C GLU A 285 5.93 1.94 -26.57
N PHE A 286 5.52 2.93 -25.78
CA PHE A 286 5.26 4.25 -26.33
C PHE A 286 6.53 4.90 -26.90
N TYR A 287 7.67 4.65 -26.25
CA TYR A 287 8.92 5.26 -26.70
C TYR A 287 9.35 4.72 -28.05
N ARG A 288 9.19 3.42 -28.24
CA ARG A 288 9.48 2.74 -29.51
C ARG A 288 8.63 3.24 -30.66
N GLN A 289 7.33 3.51 -30.41
CA GLN A 289 6.50 4.15 -31.41
C GLN A 289 7.05 5.49 -31.76
N GLY A 290 7.49 6.25 -30.77
CA GLY A 290 8.03 7.60 -31.01
C GLY A 290 9.32 7.62 -31.83
N ASP A 291 10.17 6.63 -31.64
CA ASP A 291 11.39 6.49 -32.40
C ASP A 291 11.07 6.21 -33.89
N MET A 292 10.09 5.32 -34.14
CA MET A 292 9.65 5.03 -35.51
C MET A 292 8.95 6.20 -36.18
N GLU A 293 8.29 7.05 -35.40
CA GLU A 293 7.67 8.26 -35.93
C GLU A 293 8.73 9.27 -36.36
N LYS A 294 9.78 9.44 -35.54
CA LYS A 294 10.96 10.21 -35.91
C LYS A 294 11.60 9.71 -37.23
N GLU A 295 11.75 8.40 -37.37
CA GLU A 295 12.37 7.88 -38.60
C GLU A 295 11.58 8.32 -39.86
N ARG A 296 10.25 8.21 -39.81
CA ARG A 296 9.36 8.56 -40.90
C ARG A 296 9.05 10.03 -41.05
N GLY A 297 9.63 10.90 -40.19
CA GLY A 297 9.28 12.33 -40.27
C GLY A 297 7.88 12.73 -39.76
N VAL A 298 7.08 11.75 -39.31
CA VAL A 298 5.73 12.02 -38.77
C VAL A 298 5.88 12.61 -37.34
N GLU A 299 4.90 13.43 -36.95
CA GLU A 299 4.86 14.14 -35.66
C GLU A 299 4.86 13.14 -34.47
N VAL A 300 5.52 13.55 -33.38
CA VAL A 300 5.61 12.72 -32.16
C VAL A 300 5.17 13.53 -30.93
N LEU A 301 4.10 13.08 -30.27
CA LEU A 301 3.62 13.75 -29.05
C LEU A 301 4.71 13.55 -27.95
N PRO A 302 4.76 14.43 -26.93
CA PRO A 302 5.83 14.33 -25.90
C PRO A 302 5.86 13.04 -25.03
N MET A 303 4.69 12.46 -24.79
CA MET A 303 4.57 11.15 -24.12
C MET A 303 5.35 10.01 -24.81
N PHE A 304 5.45 10.09 -26.13
CA PHE A 304 6.14 9.07 -26.96
C PHE A 304 7.64 9.37 -27.19
N ASP A 305 8.09 10.54 -26.74
CA ASP A 305 9.42 11.08 -27.05
C ASP A 305 10.43 10.65 -25.98
N ARG A 306 11.29 9.72 -26.35
CA ARG A 306 12.30 9.14 -25.47
C ARG A 306 13.32 10.15 -24.93
N SER A 307 13.62 11.18 -25.73
CA SER A 307 14.70 12.15 -25.42
C SER A 307 14.28 13.11 -24.31
N LYS A 308 13.04 13.61 -24.36
CA LYS A 308 12.44 14.36 -23.22
C LYS A 308 12.62 13.70 -21.83
N ASN A 309 12.72 12.38 -21.79
CA ASN A 309 13.13 11.61 -20.58
C ASN A 309 12.34 11.98 -19.29
N MET A 310 11.03 12.12 -19.45
CA MET A 310 10.12 12.49 -18.35
C MET A 310 10.06 11.36 -17.32
N GLU A 311 9.76 11.70 -16.08
CA GLU A 311 9.70 10.72 -15.01
C GLU A 311 8.43 9.86 -14.94
N LEU A 312 8.64 8.58 -14.67
CA LEU A 312 7.57 7.60 -14.60
C LEU A 312 6.43 8.13 -13.74
N ALA A 313 6.78 8.67 -12.59
CA ALA A 313 5.85 9.13 -11.59
C ALA A 313 4.89 10.21 -12.03
N LYS A 314 5.40 11.19 -12.75
CA LYS A 314 4.56 12.32 -13.16
C LYS A 314 3.49 11.82 -14.13
N GLY A 315 3.89 10.90 -14.99
CA GLY A 315 3.03 10.31 -15.99
C GLY A 315 1.97 9.42 -15.38
N GLN A 316 2.29 8.66 -14.33
CA GLN A 316 1.27 7.85 -13.62
C GLN A 316 0.25 8.70 -12.89
N ILE A 317 0.73 9.75 -12.25
CA ILE A 317 -0.14 10.70 -11.53
C ILE A 317 -1.11 11.39 -12.51
N GLY A 318 -0.60 11.77 -13.67
CA GLY A 318 -1.43 12.36 -14.71
C GLY A 318 -2.47 11.39 -15.22
N PHE A 319 -2.07 10.13 -15.43
CA PHE A 319 -3.01 9.10 -15.87
C PHE A 319 -4.11 8.92 -14.78
N ILE A 320 -3.66 8.81 -13.54
CA ILE A 320 -4.58 8.70 -12.42
C ILE A 320 -5.59 9.85 -12.38
N ASP A 321 -5.10 11.09 -12.43
CA ASP A 321 -5.97 12.28 -12.30
C ASP A 321 -6.89 12.50 -13.48
N PHE A 322 -6.37 12.38 -14.69
CA PHE A 322 -7.18 12.64 -15.89
C PHE A 322 -8.12 11.46 -16.20
N VAL A 323 -7.68 10.20 -16.04
CA VAL A 323 -8.40 9.06 -16.61
C VAL A 323 -8.92 8.13 -15.53
N ALA A 324 -8.02 7.44 -14.83
CA ALA A 324 -8.42 6.37 -13.93
C ALA A 324 -9.23 6.73 -12.68
N ALA A 325 -8.79 7.70 -11.88
CA ALA A 325 -9.50 8.04 -10.62
C ALA A 325 -10.95 8.47 -10.86
N PRO A 326 -11.20 9.40 -11.78
CA PRO A 326 -12.56 9.76 -12.13
C PRO A 326 -13.40 8.57 -12.58
N PHE A 327 -12.83 7.74 -13.45
CA PHE A 327 -13.55 6.59 -14.02
C PHE A 327 -13.95 5.61 -12.92
N PHE A 328 -13.01 5.17 -12.10
CA PHE A 328 -13.37 4.22 -11.09
C PHE A 328 -14.27 4.84 -10.02
N GLN A 329 -13.97 6.07 -9.59
CA GLN A 329 -14.82 6.74 -8.59
C GLN A 329 -16.25 6.85 -9.11
N LYS A 330 -16.44 7.31 -10.35
CA LYS A 330 -17.80 7.48 -10.85
C LYS A 330 -18.61 6.22 -11.02
N ILE A 331 -17.99 5.13 -11.49
CA ILE A 331 -18.77 3.90 -11.70
C ILE A 331 -19.04 3.18 -10.39
N VAL A 332 -18.11 3.26 -9.45
CA VAL A 332 -18.35 2.67 -8.13
C VAL A 332 -19.52 3.40 -7.47
N ASP A 333 -19.54 4.74 -7.54
CA ASP A 333 -20.60 5.52 -6.88
C ASP A 333 -21.93 5.30 -7.54
N ALA A 334 -21.93 5.21 -8.87
CA ALA A 334 -23.17 5.10 -9.62
C ALA A 334 -23.81 3.80 -9.42
N CYS A 335 -23.03 2.73 -9.31
CA CYS A 335 -23.62 1.41 -9.06
C CYS A 335 -22.71 0.24 -8.78
N LEU A 336 -21.41 0.32 -9.06
CA LEU A 336 -20.54 -0.83 -8.72
C LEU A 336 -19.91 -0.71 -7.33
N GLN A 337 -20.76 -0.67 -6.29
CA GLN A 337 -20.27 -0.43 -4.89
C GLN A 337 -19.24 -1.45 -4.39
N GLY A 338 -19.36 -2.68 -4.86
CA GLY A 338 -18.40 -3.73 -4.49
C GLY A 338 -16.98 -3.52 -5.01
N MET A 339 -16.79 -2.59 -5.95
CA MET A 339 -15.45 -2.29 -6.52
C MET A 339 -14.70 -1.16 -5.81
N GLN A 340 -15.16 -0.80 -4.59
CA GLN A 340 -14.60 0.32 -3.85
C GLN A 340 -13.08 0.24 -3.67
N TRP A 341 -12.52 -0.96 -3.51
CA TRP A 341 -11.05 -1.10 -3.30
C TRP A 341 -10.18 -0.50 -4.41
N THR A 342 -10.72 -0.47 -5.63
CA THR A 342 -10.02 0.10 -6.75
C THR A 342 -9.76 1.57 -6.48
N VAL A 343 -10.80 2.30 -6.08
CA VAL A 343 -10.67 3.72 -5.75
C VAL A 343 -9.68 3.88 -4.59
N ASP A 344 -9.78 3.04 -3.57
CA ASP A 344 -8.81 3.07 -2.44
C ASP A 344 -7.36 2.86 -2.91
N ARG A 345 -7.13 1.90 -3.80
CA ARG A 345 -5.74 1.61 -4.20
C ARG A 345 -5.19 2.66 -5.17
N ILE A 346 -6.04 3.24 -6.00
CA ILE A 346 -5.62 4.36 -6.87
C ILE A 346 -5.10 5.51 -5.98
N LYS A 347 -5.90 5.88 -4.96
CA LYS A 347 -5.53 6.90 -3.99
C LYS A 347 -4.19 6.57 -3.30
N SER A 348 -4.07 5.33 -2.86
CA SER A 348 -2.84 4.91 -2.21
C SER A 348 -1.61 4.90 -3.14
N ASN A 349 -1.77 4.39 -4.37
CA ASN A 349 -0.73 4.46 -5.38
C ASN A 349 -0.38 5.91 -5.77
N ARG A 350 -1.37 6.77 -5.90
CA ARG A 350 -1.10 8.17 -6.22
C ARG A 350 -0.18 8.80 -5.17
N ALA A 351 -0.51 8.62 -3.89
CA ALA A 351 0.30 9.21 -2.78
C ALA A 351 1.68 8.58 -2.76
N GLN A 352 1.77 7.29 -3.02
CA GLN A 352 3.09 6.69 -3.18
C GLN A 352 3.94 7.31 -4.32
N TRP A 353 3.35 7.64 -5.48
CA TRP A 353 4.10 8.31 -6.56
C TRP A 353 4.45 9.76 -6.15
N GLU A 354 3.55 10.44 -5.47
CA GLU A 354 3.87 11.76 -4.88
C GLU A 354 5.09 11.67 -3.97
N ARG A 355 5.18 10.62 -3.13
CA ARG A 355 6.37 10.39 -2.28
C ARG A 355 7.64 10.11 -3.07
N VAL A 356 7.55 9.53 -4.27
CA VAL A 356 8.71 9.27 -5.11
C VAL A 356 9.26 10.57 -5.73
N LEU A 357 8.37 11.49 -6.13
CA LEU A 357 8.78 12.82 -6.60
C LEU A 357 9.49 13.61 -5.52
N GLU A 358 8.85 13.68 -4.35
CA GLU A 358 9.29 14.48 -3.20
C GLU A 358 10.64 14.01 -2.63
N THR A 359 11.07 12.80 -2.99
CA THR A 359 12.31 12.22 -2.50
C THR A 359 13.27 11.76 -3.61
N ARG A 360 12.98 12.04 -4.88
CA ARG A 360 13.89 11.59 -5.98
C ARG A 360 15.24 12.34 -5.82
N VAL B 28 3.52 29.46 13.51
CA VAL B 28 2.62 28.26 13.48
C VAL B 28 1.15 28.70 13.62
N THR B 29 0.23 27.85 13.21
CA THR B 29 -1.22 28.05 13.42
C THR B 29 -1.48 28.03 14.93
N ALA B 30 -2.63 28.55 15.37
CA ALA B 30 -3.12 28.38 16.75
C ALA B 30 -4.13 27.24 16.80
N ILE B 31 -4.45 26.79 18.02
CA ILE B 31 -5.34 25.63 18.21
C ILE B 31 -6.73 26.20 18.53
N THR B 32 -7.70 25.87 17.68
CA THR B 32 -9.06 26.38 17.80
C THR B 32 -9.76 25.69 18.98
N LYS B 33 -10.85 26.31 19.43
CA LYS B 33 -11.60 25.86 20.62
C LYS B 33 -12.42 24.58 20.33
N VAL B 34 -12.81 24.39 19.07
CA VAL B 34 -13.63 23.22 18.66
C VAL B 34 -12.80 21.94 18.73
N GLU B 35 -11.54 22.02 18.27
CA GLU B 35 -10.55 20.93 18.33
C GLU B 35 -10.42 20.36 19.74
N ARG B 36 -10.28 21.25 20.73
CA ARG B 36 -10.25 20.86 22.16
C ARG B 36 -11.50 20.13 22.67
N GLU B 37 -12.66 20.64 22.28
CA GLU B 37 -13.93 20.04 22.67
C GLU B 37 -14.10 18.62 22.08
N ALA B 38 -13.63 18.46 20.83
CA ALA B 38 -13.58 17.13 20.14
C ALA B 38 -12.83 16.07 20.97
N VAL B 39 -11.73 16.49 21.60
CA VAL B 39 -10.98 15.63 22.52
C VAL B 39 -11.71 15.52 23.85
N LEU B 40 -12.03 16.68 24.46
CA LEU B 40 -12.63 16.71 25.82
C LEU B 40 -13.86 15.82 25.96
N VAL B 41 -14.68 15.78 24.90
CA VAL B 41 -15.90 14.95 24.86
C VAL B 41 -15.68 13.44 25.10
N CYS B 42 -14.58 12.88 24.58
CA CYS B 42 -14.38 11.42 24.56
C CYS B 42 -14.25 10.87 26.00
N GLU B 43 -15.09 9.90 26.34
CA GLU B 43 -15.24 9.47 27.73
C GLU B 43 -14.51 8.15 28.01
N LEU B 44 -14.14 7.40 26.97
CA LEU B 44 -13.35 6.15 27.11
C LEU B 44 -13.93 5.10 28.11
N PRO B 45 -15.23 4.75 27.95
CA PRO B 45 -15.82 3.74 28.83
C PRO B 45 -15.19 2.35 28.68
N SER B 46 -15.07 1.64 29.80
CA SER B 46 -14.50 0.26 29.89
C SER B 46 -12.97 0.14 29.63
N PHE B 47 -12.25 1.26 29.71
CA PHE B 47 -10.80 1.32 29.46
C PHE B 47 -10.04 1.82 30.69
N ASP B 48 -9.16 1.00 31.23
CA ASP B 48 -8.18 1.46 32.22
C ASP B 48 -6.90 1.90 31.46
N VAL B 49 -6.73 3.22 31.23
CA VAL B 49 -5.53 3.70 30.54
C VAL B 49 -4.22 3.38 31.23
N THR B 50 -4.26 3.06 32.53
CA THR B 50 -3.05 2.78 33.29
C THR B 50 -2.66 1.30 33.31
N ASP B 51 -3.40 0.45 32.61
CA ASP B 51 -3.21 -0.96 32.75
C ASP B 51 -2.29 -1.52 31.70
N VAL B 52 -1.44 -2.47 32.09
CA VAL B 52 -0.53 -3.11 31.14
C VAL B 52 -1.23 -3.82 29.96
N GLU B 53 -2.50 -4.15 30.12
CA GLU B 53 -3.26 -4.87 29.08
C GLU B 53 -4.20 -3.98 28.30
N PHE B 54 -4.17 -2.70 28.57
CA PHE B 54 -4.85 -1.73 27.74
C PHE B 54 -4.50 -1.94 26.24
N ASP B 55 -5.56 -1.88 25.43
CA ASP B 55 -5.59 -2.20 24.01
C ASP B 55 -5.90 -0.94 23.24
N LEU B 56 -4.88 -0.32 22.66
CA LEU B 56 -5.09 0.92 21.89
C LEU B 56 -5.84 0.61 20.57
N PHE B 57 -5.72 -0.60 20.05
CA PHE B 57 -6.39 -0.97 18.80
C PHE B 57 -7.92 -0.98 18.98
N ARG B 58 -8.39 -1.69 20.01
CA ARG B 58 -9.79 -1.60 20.48
C ARG B 58 -10.25 -0.14 20.63
N ALA B 59 -9.47 0.66 21.32
CA ALA B 59 -9.81 2.07 21.50
C ALA B 59 -10.00 2.83 20.21
N ARG B 60 -9.20 2.51 19.20
CA ARG B 60 -9.30 3.16 17.87
C ARG B 60 -10.55 2.73 17.08
N GLU B 61 -10.95 1.46 17.23
CA GLU B 61 -12.13 0.90 16.57
C GLU B 61 -13.44 1.26 17.31
N SER B 62 -13.33 1.73 18.55
CA SER B 62 -14.48 2.20 19.32
C SER B 62 -15.25 3.38 18.72
N THR B 63 -14.71 4.08 17.72
CA THR B 63 -15.32 5.32 17.22
C THR B 63 -14.79 5.65 15.85
N ASP B 64 -15.54 6.42 15.07
CA ASP B 64 -14.93 7.21 13.97
C ASP B 64 -14.19 8.39 14.65
N LYS B 65 -13.27 9.02 13.93
CA LYS B 65 -12.31 9.94 14.55
C LYS B 65 -11.53 9.29 15.74
N PRO B 66 -10.74 8.24 15.44
CA PRO B 66 -9.82 7.72 16.44
C PRO B 66 -8.70 8.70 16.85
N LEU B 67 -8.42 9.72 16.03
CA LEU B 67 -7.46 10.75 16.37
C LEU B 67 -7.84 11.56 17.60
N ASP B 68 -9.12 11.64 17.92
CA ASP B 68 -9.58 12.35 19.13
C ASP B 68 -9.55 11.42 20.34
N VAL B 69 -9.87 10.14 20.16
CA VAL B 69 -9.73 9.16 21.26
C VAL B 69 -8.26 8.97 21.68
N ALA B 70 -7.39 8.93 20.67
CA ALA B 70 -5.96 8.87 20.86
C ALA B 70 -5.46 9.99 21.74
N ALA B 71 -5.80 11.21 21.33
CA ALA B 71 -5.42 12.41 22.09
C ALA B 71 -6.01 12.43 23.48
N ALA B 72 -7.19 11.84 23.64
CA ALA B 72 -7.85 11.81 24.95
C ALA B 72 -7.12 10.92 25.89
N ILE B 73 -6.63 9.81 25.35
CA ILE B 73 -5.80 8.88 26.13
C ILE B 73 -4.51 9.56 26.65
N ALA B 74 -3.89 10.39 25.83
CA ALA B 74 -2.70 11.14 26.22
C ALA B 74 -3.02 12.16 27.29
N TYR B 75 -4.05 12.97 27.01
CA TYR B 75 -4.63 13.92 28.00
C TYR B 75 -4.82 13.28 29.37
N ARG B 76 -5.52 12.14 29.38
CA ARG B 76 -5.88 11.51 30.62
C ARG B 76 -4.68 10.95 31.33
N LEU B 77 -3.74 10.39 30.57
CA LEU B 77 -2.55 9.84 31.18
C LEU B 77 -1.81 10.96 31.92
N LEU B 78 -1.59 12.06 31.23
CA LEU B 78 -0.83 13.14 31.82
C LEU B 78 -1.54 13.77 33.07
N LEU B 79 -2.88 13.94 33.04
CA LEU B 79 -3.61 14.34 34.27
C LEU B 79 -3.50 13.33 35.42
N GLY B 80 -3.84 12.07 35.18
CA GLY B 80 -3.79 11.00 36.22
C GLY B 80 -2.44 10.73 36.88
N SER B 81 -1.36 11.21 36.27
CA SER B 81 -0.02 11.20 36.89
C SER B 81 0.10 12.23 38.04
N GLY B 82 -0.65 13.33 37.90
CA GLY B 82 -0.64 14.42 38.85
C GLY B 82 0.39 15.47 38.49
N LEU B 83 1.08 15.29 37.36
CA LEU B 83 2.35 15.94 37.12
C LEU B 83 2.32 17.32 36.47
N PRO B 84 1.51 17.50 35.43
CA PRO B 84 1.52 18.87 34.84
C PRO B 84 1.14 20.04 35.82
N GLN B 85 0.12 19.81 36.64
CA GLN B 85 -0.35 20.76 37.66
C GLN B 85 0.82 21.20 38.55
N LYS B 86 1.64 20.26 39.03
CA LYS B 86 2.79 20.60 39.88
C LYS B 86 3.86 21.44 39.20
N PHE B 87 3.93 21.44 37.86
CA PHE B 87 4.94 22.23 37.16
C PHE B 87 4.36 23.43 36.41
N GLY B 88 3.18 23.86 36.85
CA GLY B 88 2.51 25.03 36.30
C GLY B 88 2.16 24.91 34.83
N CYS B 89 1.65 23.75 34.45
CA CYS B 89 1.19 23.54 33.11
C CYS B 89 -0.31 23.38 33.25
N SER B 90 -1.03 24.33 32.64
CA SER B 90 -2.49 24.39 32.66
C SER B 90 -3.15 23.29 31.83
N ASP B 91 -4.30 22.83 32.29
CA ASP B 91 -5.14 21.89 31.50
C ASP B 91 -5.29 22.33 30.02
N GLU B 92 -5.24 23.65 29.74
CA GLU B 92 -5.37 24.14 28.38
C GLU B 92 -4.09 23.95 27.54
N VAL B 93 -2.94 24.54 27.94
CA VAL B 93 -1.72 24.42 27.09
C VAL B 93 -1.25 22.96 26.93
N LEU B 94 -1.58 22.08 27.89
CA LEU B 94 -1.40 20.65 27.75
C LEU B 94 -2.10 20.15 26.49
N LEU B 95 -3.37 20.47 26.36
CA LEU B 95 -4.18 20.02 25.25
C LEU B 95 -3.70 20.62 23.94
N ASN B 96 -3.28 21.90 23.97
CA ASN B 96 -2.68 22.52 22.79
C ASN B 96 -1.42 21.80 22.33
N PHE B 97 -0.58 21.43 23.32
CA PHE B 97 0.70 20.78 23.07
C PHE B 97 0.45 19.47 22.36
N ILE B 98 -0.45 18.67 22.89
CA ILE B 98 -0.81 17.40 22.30
C ILE B 98 -1.25 17.59 20.85
N LEU B 99 -2.15 18.56 20.62
CA LEU B 99 -2.73 18.77 19.27
C LEU B 99 -1.71 19.36 18.31
N GLN B 100 -0.84 20.23 18.78
CA GLN B 100 0.30 20.61 17.93
C GLN B 100 1.17 19.39 17.54
N CYS B 101 1.39 18.47 18.50
CA CYS B 101 2.13 17.25 18.21
C CYS B 101 1.36 16.43 17.17
N ARG B 102 0.09 16.15 17.45
CA ARG B 102 -0.72 15.31 16.56
C ARG B 102 -0.67 15.73 15.08
N LYS B 103 -0.83 17.03 14.86
CA LYS B 103 -0.82 17.60 13.51
C LYS B 103 0.52 17.41 12.77
N LYS B 104 1.62 17.17 13.47
CA LYS B 104 2.88 16.90 12.78
C LYS B 104 3.11 15.41 12.53
N TYR B 105 2.14 14.55 12.88
CA TYR B 105 2.24 13.14 12.54
C TYR B 105 1.46 12.85 11.25
N ARG B 106 2.10 12.12 10.36
CA ARG B 106 1.54 11.78 9.07
C ARG B 106 0.70 10.53 9.08
N ASN B 107 0.04 10.26 7.96
CA ASN B 107 -0.85 9.14 7.79
C ASN B 107 -0.03 7.97 7.18
N VAL B 108 0.89 7.44 7.97
CA VAL B 108 1.75 6.30 7.56
C VAL B 108 1.34 5.08 8.37
N PRO B 109 1.73 3.87 7.97
CA PRO B 109 1.14 2.72 8.69
C PRO B 109 1.58 2.56 10.17
N TYR B 110 2.83 2.89 10.52
CA TYR B 110 3.36 2.63 11.90
C TYR B 110 3.70 3.89 12.63
N HIS B 111 4.63 4.67 12.06
CA HIS B 111 5.12 5.89 12.73
C HIS B 111 4.16 7.07 12.68
N ASN B 112 2.96 6.84 13.18
CA ASN B 112 1.85 7.82 13.11
C ASN B 112 1.56 8.23 14.55
N PHE B 113 0.45 8.92 14.78
CA PHE B 113 0.17 9.45 16.10
C PHE B 113 -0.10 8.34 17.14
N TYR B 114 -0.64 7.23 16.68
CA TYR B 114 -0.99 6.15 17.58
C TYR B 114 0.25 5.49 18.21
N HIS B 115 1.36 5.38 17.45
CA HIS B 115 2.64 4.91 17.97
C HIS B 115 3.08 5.72 19.17
N VAL B 116 3.02 7.03 19.06
CA VAL B 116 3.54 7.88 20.13
C VAL B 116 2.62 7.91 21.34
N VAL B 117 1.32 7.78 21.14
CA VAL B 117 0.40 7.64 22.26
C VAL B 117 0.64 6.30 22.95
N ASP B 118 0.85 5.25 22.17
CA ASP B 118 1.22 3.95 22.73
C ASP B 118 2.51 4.03 23.57
N VAL B 119 3.52 4.76 23.08
CA VAL B 119 4.76 4.86 23.81
C VAL B 119 4.53 5.65 25.09
N CYS B 120 3.70 6.71 25.02
CA CYS B 120 3.30 7.42 26.22
C CYS B 120 2.63 6.51 27.26
N GLN B 121 1.60 5.79 26.83
CA GLN B 121 0.86 4.90 27.73
C GLN B 121 1.78 3.79 28.31
N THR B 122 2.63 3.25 27.46
CA THR B 122 3.53 2.18 27.87
C THR B 122 4.56 2.70 28.90
N ILE B 123 5.08 3.90 28.69
CA ILE B 123 6.01 4.51 29.61
C ILE B 123 5.33 4.75 30.95
N HIS B 124 4.07 5.21 30.91
CA HIS B 124 3.26 5.39 32.16
C HIS B 124 3.20 4.06 32.94
N THR B 125 2.98 2.94 32.27
CA THR B 125 3.02 1.63 32.95
C THR B 125 4.41 1.26 33.50
N PHE B 126 5.49 1.51 32.76
CA PHE B 126 6.84 1.22 33.29
C PHE B 126 7.13 2.07 34.55
N LEU B 127 6.73 3.32 34.53
CA LEU B 127 6.94 4.22 35.64
C LEU B 127 6.11 3.80 36.86
N TYR B 128 4.83 3.53 36.66
CA TYR B 128 3.89 3.36 37.80
C TYR B 128 3.57 1.91 38.21
N ARG B 129 3.38 1.03 37.25
CA ARG B 129 3.29 -0.41 37.54
C ARG B 129 4.66 -1.03 37.72
N GLY B 130 5.67 -0.58 36.98
CA GLY B 130 7.02 -1.15 37.08
C GLY B 130 7.86 -0.53 38.16
N ASN B 131 7.29 0.50 38.82
CA ASN B 131 7.95 1.27 39.88
C ASN B 131 9.24 1.96 39.47
N VAL B 132 9.39 2.26 38.17
CA VAL B 132 10.54 3.04 37.75
C VAL B 132 10.44 4.51 38.20
N TYR B 133 9.26 5.00 38.52
CA TYR B 133 9.15 6.33 39.11
C TYR B 133 10.06 6.48 40.33
N GLU B 134 10.28 5.42 41.09
CA GLU B 134 11.12 5.51 42.30
C GLU B 134 12.52 5.95 42.00
N LYS B 135 13.01 5.71 40.79
CA LYS B 135 14.41 6.01 40.40
C LYS B 135 14.60 7.46 39.85
N LEU B 136 13.49 8.21 39.69
CA LEU B 136 13.45 9.49 38.95
C LEU B 136 12.74 10.55 39.77
N THR B 137 13.07 11.80 39.55
CA THR B 137 12.31 12.87 40.13
C THR B 137 10.97 12.96 39.43
N GLU B 138 10.06 13.70 40.02
CA GLU B 138 8.78 14.00 39.37
C GLU B 138 8.93 14.79 38.04
N LEU B 139 9.81 15.78 38.03
CA LEU B 139 10.14 16.49 36.80
C LEU B 139 10.55 15.49 35.70
N GLU B 140 11.48 14.61 36.02
CA GLU B 140 11.93 13.65 35.03
C GLU B 140 10.78 12.79 34.54
N CYS B 141 9.88 12.34 35.43
CA CYS B 141 8.68 11.55 34.96
C CYS B 141 7.78 12.30 33.99
N PHE B 142 7.56 13.54 34.31
CA PHE B 142 6.76 14.45 33.49
C PHE B 142 7.42 14.62 32.14
N VAL B 143 8.72 14.86 32.14
CA VAL B 143 9.45 15.05 30.85
C VAL B 143 9.37 13.77 29.99
N LEU B 144 9.44 12.59 30.59
CA LEU B 144 9.32 11.37 29.80
C LEU B 144 7.97 11.24 29.13
N LEU B 145 6.91 11.44 29.89
CA LEU B 145 5.56 11.35 29.31
C LEU B 145 5.37 12.35 28.11
N ILE B 146 5.89 13.58 28.25
CA ILE B 146 5.89 14.59 27.19
C ILE B 146 6.75 14.16 26.02
N THR B 147 7.97 13.71 26.30
CA THR B 147 8.90 13.30 25.27
C THR B 147 8.38 12.18 24.39
N ALA B 148 7.69 11.21 24.98
CA ALA B 148 7.00 10.20 24.21
C ALA B 148 6.23 10.75 23.00
N LEU B 149 5.53 11.85 23.25
CA LEU B 149 4.63 12.44 22.25
C LEU B 149 5.36 13.21 21.17
N VAL B 150 6.59 13.67 21.42
CA VAL B 150 7.40 14.36 20.39
C VAL B 150 8.40 13.46 19.67
N HIS B 151 8.60 12.22 20.12
CA HIS B 151 9.86 11.52 19.81
C HIS B 151 10.03 11.08 18.35
N ASP B 152 8.91 11.14 17.57
CA ASP B 152 8.89 10.79 16.16
C ASP B 152 8.20 11.85 15.26
N LEU B 153 8.19 13.10 15.68
CA LEU B 153 7.42 14.13 14.91
C LEU B 153 7.83 14.17 13.41
N ASP B 154 6.84 14.19 12.51
CA ASP B 154 7.03 14.33 11.04
C ASP B 154 7.77 13.16 10.42
N HIS B 155 7.66 11.97 11.02
CA HIS B 155 8.21 10.74 10.42
C HIS B 155 7.41 10.46 9.13
N MET B 156 8.13 10.09 8.08
CA MET B 156 7.54 9.96 6.73
C MET B 156 7.58 8.54 6.32
N GLY B 157 7.79 7.62 7.26
CA GLY B 157 7.79 6.20 6.94
C GLY B 157 9.05 5.65 6.31
N LEU B 158 10.12 6.47 6.29
CA LEU B 158 11.38 6.01 5.77
C LEU B 158 12.41 6.04 6.86
N ASN B 159 13.34 5.10 6.85
CA ASN B 159 14.40 5.08 7.89
C ASN B 159 15.61 5.97 7.57
N ASN B 160 16.51 6.14 8.55
CA ASN B 160 17.71 6.98 8.41
C ASN B 160 18.56 6.56 7.23
N SER B 161 18.77 5.26 7.07
CA SER B 161 19.48 4.73 5.92
C SER B 161 18.99 5.26 4.53
N PHE B 162 17.68 5.37 4.36
CA PHE B 162 17.11 5.82 3.12
C PHE B 162 17.53 7.27 2.79
N TYR B 163 17.58 8.12 3.80
CA TYR B 163 17.96 9.49 3.60
C TYR B 163 19.48 9.63 3.29
N LEU B 164 20.28 8.74 3.82
CA LEU B 164 21.72 8.78 3.58
C LEU B 164 22.07 8.30 2.17
N LYS B 165 21.67 7.07 1.83
CA LYS B 165 21.97 6.49 0.52
C LYS B 165 21.43 7.33 -0.66
N THR B 166 20.30 8.04 -0.49
CA THR B 166 19.69 8.83 -1.55
C THR B 166 20.09 10.33 -1.51
N GLU B 167 21.01 10.67 -0.59
CA GLU B 167 21.53 12.02 -0.43
C GLU B 167 20.41 13.02 -0.54
N SER B 168 19.33 12.81 0.22
CA SER B 168 18.26 13.77 0.26
C SER B 168 18.66 14.95 1.17
N PRO B 169 17.92 16.08 1.13
CA PRO B 169 18.37 17.25 1.88
C PRO B 169 18.60 17.05 3.37
N LEU B 170 17.71 16.30 4.03
CA LEU B 170 17.86 16.03 5.47
C LEU B 170 19.09 15.19 5.77
N GLY B 171 19.36 14.22 4.91
CA GLY B 171 20.59 13.44 5.05
C GLY B 171 21.80 14.30 4.84
N ILE B 172 21.71 15.21 3.87
CA ILE B 172 22.83 16.11 3.57
C ILE B 172 23.09 17.00 4.77
N LEU B 173 22.00 17.63 5.24
CA LEU B 173 22.03 18.53 6.38
C LEU B 173 22.56 17.90 7.67
N SER B 174 22.19 16.64 7.91
CA SER B 174 22.67 15.90 9.06
C SER B 174 24.13 15.45 8.84
N SER B 175 24.45 14.96 7.65
CA SER B 175 25.85 14.65 7.31
C SER B 175 26.80 15.86 7.50
N ALA B 176 26.36 17.05 7.10
CA ALA B 176 27.18 18.26 7.24
C ALA B 176 27.39 18.69 8.70
N SER B 177 26.43 18.44 9.59
CA SER B 177 26.57 18.75 11.02
C SER B 177 27.18 17.59 11.87
N GLY B 178 27.66 16.50 11.24
CA GLY B 178 28.26 15.36 11.98
C GLY B 178 27.37 14.19 12.42
N ASN B 179 26.08 14.41 12.74
CA ASN B 179 25.20 13.34 13.29
C ASN B 179 24.54 12.47 12.20
N THR B 180 24.78 11.15 12.25
CA THR B 180 24.13 10.17 11.38
C THR B 180 22.65 9.86 11.72
N SER B 181 22.15 10.43 12.82
CA SER B 181 20.78 10.28 13.29
C SER B 181 19.88 11.28 12.61
N VAL B 182 19.68 11.05 11.34
CA VAL B 182 18.94 11.98 10.48
C VAL B 182 17.56 12.35 11.02
N LEU B 183 16.68 11.37 11.26
CA LEU B 183 15.29 11.69 11.73
C LEU B 183 15.22 12.26 13.17
N GLU B 184 16.08 11.75 14.03
CA GLU B 184 16.00 12.11 15.47
C GLU B 184 16.37 13.58 15.67
N VAL B 185 17.40 14.04 14.96
CA VAL B 185 17.71 15.47 14.94
C VAL B 185 16.51 16.23 14.44
N HIS B 186 15.88 15.74 13.37
CA HIS B 186 14.67 16.39 12.82
C HIS B 186 13.53 16.43 13.85
N HIS B 187 13.26 15.30 14.51
CA HIS B 187 12.18 15.29 15.53
C HIS B 187 12.51 16.31 16.65
N CYS B 188 13.75 16.37 17.07
CA CYS B 188 14.12 17.38 18.08
C CYS B 188 13.86 18.80 17.57
N ASN B 189 14.33 19.13 16.35
CA ASN B 189 14.11 20.50 15.80
C ASN B 189 12.65 20.85 15.89
N LEU B 190 11.75 19.89 15.57
CA LEU B 190 10.30 20.15 15.63
C LEU B 190 9.71 20.20 17.00
N ALA B 191 10.30 19.43 17.92
CA ALA B 191 9.90 19.50 19.32
C ALA B 191 10.20 20.90 19.82
N VAL B 192 11.46 21.33 19.65
CA VAL B 192 11.92 22.66 20.11
C VAL B 192 11.15 23.79 19.45
N GLU B 193 10.74 23.60 18.19
CA GLU B 193 9.85 24.56 17.51
C GLU B 193 8.45 24.58 18.16
N ILE B 194 7.81 23.43 18.41
CA ILE B 194 6.46 23.46 19.05
C ILE B 194 6.49 24.10 20.42
N LEU B 195 7.56 23.86 21.15
CA LEU B 195 7.69 24.37 22.51
C LEU B 195 8.05 25.85 22.54
N SER B 196 8.62 26.37 21.46
CA SER B 196 8.91 27.82 21.35
C SER B 196 7.66 28.72 21.18
N ASP B 197 6.48 28.16 20.94
CA ASP B 197 5.20 28.91 21.10
C ASP B 197 4.63 28.74 22.52
N PRO B 198 4.61 29.82 23.34
CA PRO B 198 4.03 29.80 24.69
C PRO B 198 2.64 29.22 24.93
N GLU B 199 1.77 29.16 23.92
CA GLU B 199 0.45 28.56 24.17
C GLU B 199 0.47 27.01 24.12
N SER B 200 1.59 26.45 23.65
CA SER B 200 1.83 25.00 23.70
C SER B 200 3.14 24.60 24.47
N ASP B 201 3.67 25.49 25.30
CA ASP B 201 4.94 25.25 26.00
C ASP B 201 4.60 24.69 27.39
N VAL B 202 4.61 23.36 27.45
CA VAL B 202 4.35 22.60 28.67
C VAL B 202 5.48 22.74 29.75
N PHE B 203 6.62 23.30 29.36
CA PHE B 203 7.73 23.61 30.26
C PHE B 203 7.83 25.12 30.58
N ASP B 204 6.81 25.90 30.24
CA ASP B 204 6.85 27.36 30.46
C ASP B 204 6.75 27.71 31.94
N GLY B 205 6.02 26.88 32.69
CA GLY B 205 5.95 26.99 34.14
C GLY B 205 7.22 26.68 34.93
N LEU B 206 8.34 26.40 34.26
CA LEU B 206 9.58 25.98 34.88
C LEU B 206 10.59 27.09 34.73
N GLU B 207 11.54 27.15 35.65
CA GLU B 207 12.57 28.19 35.72
C GLU B 207 13.93 27.59 35.94
N GLY B 208 14.96 28.38 35.62
CA GLY B 208 16.35 28.03 35.91
C GLY B 208 16.74 26.62 35.52
N ALA B 209 17.47 25.96 36.40
CA ALA B 209 18.03 24.64 36.12
C ALA B 209 16.93 23.62 35.75
N GLU B 210 15.72 23.76 36.29
CA GLU B 210 14.61 22.85 35.99
C GLU B 210 14.17 22.92 34.53
N ARG B 211 14.01 24.14 34.03
CA ARG B 211 13.64 24.41 32.64
C ARG B 211 14.72 23.88 31.68
N THR B 212 15.96 24.21 31.95
CA THR B 212 17.08 23.70 31.20
C THR B 212 17.13 22.17 31.14
N LEU B 213 16.90 21.53 32.29
CA LEU B 213 16.91 20.07 32.40
C LEU B 213 15.76 19.45 31.60
N ALA B 214 14.56 20.07 31.59
CA ALA B 214 13.48 19.55 30.75
C ALA B 214 13.88 19.47 29.27
N PHE B 215 14.47 20.55 28.74
CA PHE B 215 14.87 20.59 27.34
C PHE B 215 16.00 19.63 27.07
N ARG B 216 17.05 19.67 27.88
CA ARG B 216 18.22 18.86 27.61
C ARG B 216 17.90 17.36 27.73
N SER B 217 17.03 16.99 28.68
CA SER B 217 16.71 15.58 28.88
C SER B 217 15.77 15.13 27.76
N MET B 218 14.79 15.96 27.38
CA MET B 218 13.94 15.65 26.23
C MET B 218 14.75 15.34 24.97
N ILE B 219 15.67 16.25 24.65
CA ILE B 219 16.49 16.12 23.45
C ILE B 219 17.42 14.90 23.54
N ASP B 220 18.08 14.72 24.69
CA ASP B 220 18.97 13.56 24.84
C ASP B 220 18.18 12.30 24.61
N CYS B 221 16.95 12.24 25.15
CA CYS B 221 16.15 11.02 25.05
C CYS B 221 15.76 10.71 23.59
N VAL B 222 15.26 11.71 22.88
CA VAL B 222 14.90 11.52 21.46
C VAL B 222 16.10 11.07 20.63
N LEU B 223 17.27 11.67 20.85
CA LEU B 223 18.48 11.25 20.12
C LEU B 223 18.90 9.80 20.39
N ALA B 224 18.63 9.33 21.61
CA ALA B 224 18.99 7.97 21.97
C ALA B 224 18.05 6.94 21.39
N THR B 225 16.91 7.36 20.78
CA THR B 225 16.04 6.43 20.09
C THR B 225 16.55 5.91 18.74
N ASP B 226 17.63 6.46 18.21
CA ASP B 226 18.19 5.92 16.96
C ASP B 226 18.74 4.49 17.18
N MET B 227 18.10 3.49 16.58
CA MET B 227 18.50 2.08 16.78
C MET B 227 19.91 1.70 16.30
N ALA B 228 20.53 2.55 15.48
CA ALA B 228 21.95 2.37 15.11
C ALA B 228 22.83 2.48 16.33
N LYS B 229 22.38 3.26 17.32
CA LYS B 229 23.08 3.48 18.58
C LYS B 229 22.59 2.59 19.73
N HIS B 230 21.80 1.57 19.40
CA HIS B 230 21.16 0.73 20.41
C HIS B 230 22.13 0.14 21.44
N GLY B 231 23.13 -0.61 20.92
CA GLY B 231 24.17 -1.26 21.74
C GLY B 231 24.92 -0.33 22.65
N SER B 232 25.35 0.81 22.10
CA SER B 232 26.04 1.87 22.86
C SER B 232 25.23 2.42 24.04
N ALA B 233 23.93 2.65 23.84
CA ALA B 233 23.11 3.22 24.92
C ALA B 233 22.83 2.16 26.00
N LEU B 234 22.56 0.94 25.58
CA LEU B 234 22.35 -0.17 26.52
C LEU B 234 23.55 -0.37 27.43
N GLU B 235 24.72 -0.40 26.81
CA GLU B 235 25.97 -0.64 27.50
C GLU B 235 26.32 0.49 28.48
N ALA B 236 26.03 1.73 28.13
CA ALA B 236 26.22 2.86 29.08
C ALA B 236 25.22 2.85 30.25
N PHE B 237 23.96 2.45 30.01
CA PHE B 237 23.02 2.30 31.13
C PHE B 237 23.45 1.21 32.09
N LEU B 238 23.83 0.05 31.58
CA LEU B 238 24.29 -1.07 32.43
C LEU B 238 25.55 -0.68 33.27
N ALA B 239 26.50 0.00 32.63
CA ALA B 239 27.67 0.56 33.34
C ALA B 239 27.29 1.55 34.46
N SER B 240 26.34 2.43 34.15
CA SER B 240 25.82 3.41 35.12
C SER B 240 25.05 2.74 36.27
N ALA B 241 24.31 1.67 36.01
CA ALA B 241 23.56 0.93 37.04
C ALA B 241 24.43 0.11 37.98
N ALA B 242 25.59 -0.35 37.51
CA ALA B 242 26.58 -1.04 38.37
C ALA B 242 27.27 -0.08 39.34
N ASP B 243 27.38 1.20 38.93
CA ASP B 243 27.68 2.36 39.81
C ASP B 243 26.58 3.46 39.94
N GLN B 244 25.41 3.14 40.49
CA GLN B 244 24.33 4.14 40.72
C GLN B 244 24.75 5.22 41.73
N SER B 245 25.64 4.84 42.66
CA SER B 245 26.12 5.77 43.68
C SER B 245 27.17 6.73 43.11
N SER B 246 27.95 6.26 42.14
CA SER B 246 28.91 7.15 41.46
C SER B 246 28.17 7.73 40.25
N ASP B 247 28.04 9.04 40.29
CA ASP B 247 27.34 9.84 39.29
C ASP B 247 25.85 9.50 39.18
N GLU B 248 25.14 10.08 40.13
CA GLU B 248 23.71 9.93 40.22
C GLU B 248 23.00 10.68 39.09
N ALA B 249 23.41 11.90 38.80
CA ALA B 249 22.82 12.68 37.70
C ALA B 249 22.84 11.91 36.36
N ALA B 250 23.96 11.23 36.12
CA ALA B 250 24.18 10.45 34.94
C ALA B 250 23.31 9.20 34.90
N PHE B 251 23.10 8.58 36.05
CA PHE B 251 22.23 7.41 36.11
C PHE B 251 20.75 7.82 35.84
N HIS B 252 20.34 9.00 36.34
CA HIS B 252 19.00 9.50 36.09
C HIS B 252 18.80 9.70 34.59
N ARG B 253 19.78 10.31 33.92
CA ARG B 253 19.65 10.62 32.51
C ARG B 253 19.63 9.33 31.65
N MET B 254 20.51 8.38 31.97
CA MET B 254 20.53 7.08 31.28
C MET B 254 19.25 6.29 31.47
N THR B 255 18.64 6.41 32.64
CA THR B 255 17.42 5.70 32.93
C THR B 255 16.29 6.34 32.10
N MET B 256 16.28 7.66 31.97
CA MET B 256 15.31 8.31 31.10
C MET B 256 15.44 7.82 29.64
N GLU B 257 16.64 7.86 29.13
CA GLU B 257 16.89 7.36 27.76
C GLU B 257 16.52 5.91 27.57
N ILE B 258 16.85 5.09 28.57
CA ILE B 258 16.55 3.65 28.49
C ILE B 258 15.05 3.38 28.50
N ILE B 259 14.31 4.12 29.32
CA ILE B 259 12.86 3.94 29.42
C ILE B 259 12.17 4.38 28.12
N LEU B 260 12.58 5.48 27.50
CA LEU B 260 12.00 5.84 26.19
C LEU B 260 12.37 4.81 25.19
N LYS B 261 13.63 4.34 25.17
CA LYS B 261 13.99 3.25 24.25
C LYS B 261 13.13 2.04 24.50
N ALA B 262 12.93 1.72 25.77
CA ALA B 262 12.12 0.57 26.15
C ALA B 262 10.70 0.73 25.61
N GLY B 263 10.09 1.90 25.83
CA GLY B 263 8.76 2.18 25.29
C GLY B 263 8.72 2.01 23.76
N ASP B 264 9.77 2.48 23.09
CA ASP B 264 9.82 2.46 21.65
C ASP B 264 9.85 1.04 21.08
N ILE B 265 10.46 0.09 21.81
CA ILE B 265 10.54 -1.29 21.34
C ILE B 265 9.68 -2.18 22.20
N SER B 266 8.58 -1.63 22.71
CA SER B 266 7.71 -2.31 23.67
C SER B 266 6.61 -3.16 23.05
N ASN B 267 6.50 -3.15 21.73
CA ASN B 267 5.41 -3.90 21.05
C ASN B 267 5.43 -5.42 21.36
N VAL B 268 6.60 -6.01 21.40
CA VAL B 268 6.72 -7.43 21.75
C VAL B 268 6.47 -7.77 23.23
N THR B 269 6.20 -6.77 24.09
CA THR B 269 5.92 -6.95 25.51
C THR B 269 4.43 -6.89 25.81
N LYS B 270 3.59 -6.87 24.77
CA LYS B 270 2.15 -6.71 24.93
C LYS B 270 1.40 -8.05 24.74
N PRO B 271 0.12 -8.11 25.17
CA PRO B 271 -0.68 -9.31 24.88
C PRO B 271 -0.61 -9.64 23.39
N PHE B 272 -0.47 -10.92 23.04
CA PHE B 272 -0.17 -11.37 21.69
C PHE B 272 -0.96 -10.70 20.59
N ASP B 273 -2.28 -10.61 20.76
CA ASP B 273 -3.14 -10.01 19.75
C ASP B 273 -2.72 -8.55 19.43
N ILE B 274 -2.34 -7.81 20.47
CA ILE B 274 -1.91 -6.43 20.32
C ILE B 274 -0.53 -6.40 19.62
N SER B 275 0.37 -7.21 20.14
CA SER B 275 1.69 -7.36 19.59
C SER B 275 1.67 -7.72 18.11
N ARG B 276 0.73 -8.57 17.69
CA ARG B 276 0.57 -8.96 16.27
C ARG B 276 0.10 -7.79 15.42
N GLN B 277 -0.85 -7.03 15.94
CA GLN B 277 -1.34 -5.89 15.18
C GLN B 277 -0.22 -4.85 14.94
N TRP B 278 0.63 -4.63 15.95
CA TRP B 278 1.75 -3.74 15.80
C TRP B 278 2.71 -4.28 14.76
N ALA B 279 2.95 -5.59 14.79
CA ALA B 279 3.89 -6.17 13.80
C ALA B 279 3.34 -6.08 12.37
N MET B 280 2.02 -6.13 12.21
CA MET B 280 1.44 -5.96 10.89
C MET B 280 1.68 -4.51 10.38
N ALA B 281 1.45 -3.52 11.26
CA ALA B 281 1.59 -2.11 10.87
C ALA B 281 3.06 -1.80 10.50
N VAL B 282 4.00 -2.28 11.30
CA VAL B 282 5.42 -2.05 11.01
C VAL B 282 5.84 -2.71 9.71
N THR B 283 5.37 -3.90 9.48
CA THR B 283 5.71 -4.64 8.27
C THR B 283 5.23 -3.92 7.01
N GLU B 284 3.99 -3.44 7.00
CA GLU B 284 3.50 -2.67 5.86
C GLU B 284 4.36 -1.41 5.61
N GLU B 285 4.78 -0.71 6.69
CA GLU B 285 5.57 0.48 6.51
C GLU B 285 6.93 0.15 5.89
N PHE B 286 7.53 -0.92 6.36
CA PHE B 286 8.80 -1.37 5.78
C PHE B 286 8.66 -1.79 4.32
N TYR B 287 7.54 -2.41 3.99
CA TYR B 287 7.33 -2.89 2.62
C TYR B 287 7.22 -1.74 1.63
N ARG B 288 6.52 -0.67 2.04
CA ARG B 288 6.43 0.56 1.27
C ARG B 288 7.76 1.22 1.00
N GLN B 289 8.64 1.27 1.99
CA GLN B 289 10.00 1.77 1.76
C GLN B 289 10.69 0.90 0.74
N GLY B 290 10.51 -0.41 0.83
CA GLY B 290 11.15 -1.33 -0.13
C GLY B 290 10.67 -1.18 -1.58
N ASP B 291 9.39 -0.87 -1.75
CA ASP B 291 8.82 -0.65 -3.07
C ASP B 291 9.41 0.65 -3.67
N MET B 292 9.56 1.70 -2.86
CA MET B 292 10.21 2.94 -3.32
C MET B 292 11.69 2.79 -3.65
N GLU B 293 12.35 1.86 -2.97
CA GLU B 293 13.75 1.55 -3.27
C GLU B 293 13.87 0.83 -4.64
N LYS B 294 12.96 -0.12 -4.88
CA LYS B 294 12.79 -0.74 -6.19
C LYS B 294 12.54 0.30 -7.32
N GLU B 295 11.69 1.29 -7.08
CA GLU B 295 11.41 2.29 -8.11
C GLU B 295 12.69 3.01 -8.53
N ARG B 296 13.50 3.41 -7.57
CA ARG B 296 14.80 4.09 -7.81
C ARG B 296 15.95 3.15 -8.19
N GLY B 297 15.68 1.87 -8.38
CA GLY B 297 16.64 0.91 -8.83
C GLY B 297 17.63 0.41 -7.82
N VAL B 298 17.61 0.94 -6.58
CA VAL B 298 18.53 0.49 -5.53
C VAL B 298 18.06 -0.90 -5.02
N GLU B 299 19.03 -1.72 -4.60
CA GLU B 299 18.79 -3.05 -4.02
C GLU B 299 18.04 -2.89 -2.69
N VAL B 300 17.23 -3.88 -2.34
CA VAL B 300 16.38 -3.85 -1.14
C VAL B 300 16.66 -5.06 -0.23
N LEU B 301 17.01 -4.76 1.03
CA LEU B 301 17.18 -5.76 2.08
C LEU B 301 15.90 -6.61 2.21
N PRO B 302 16.01 -7.90 2.59
CA PRO B 302 14.83 -8.81 2.51
C PRO B 302 13.65 -8.48 3.47
N MET B 303 13.95 -7.91 4.63
CA MET B 303 12.90 -7.41 5.55
C MET B 303 11.94 -6.37 4.92
N PHE B 304 12.46 -5.55 4.00
CA PHE B 304 11.68 -4.51 3.29
C PHE B 304 11.02 -5.00 1.97
N ASP B 305 11.31 -6.23 1.55
CA ASP B 305 10.97 -6.77 0.22
C ASP B 305 9.61 -7.50 0.29
N ARG B 306 8.60 -6.85 -0.28
CA ARG B 306 7.23 -7.36 -0.26
C ARG B 306 7.05 -8.64 -1.07
N SER B 307 7.89 -8.86 -2.11
CA SER B 307 7.68 -9.97 -3.07
C SER B 307 8.13 -11.30 -2.47
N LYS B 308 9.26 -11.29 -1.76
CA LYS B 308 9.70 -12.41 -0.90
C LYS B 308 8.59 -12.99 0.01
N ASN B 309 7.63 -12.15 0.42
CA ASN B 309 6.40 -12.54 1.14
C ASN B 309 6.69 -13.37 2.38
N MET B 310 7.73 -12.97 3.12
CA MET B 310 8.19 -13.67 4.31
C MET B 310 7.14 -13.52 5.40
N GLU B 311 7.05 -14.50 6.31
CA GLU B 311 5.93 -14.46 7.27
C GLU B 311 6.28 -13.63 8.53
N LEU B 312 5.22 -12.99 8.98
CA LEU B 312 5.24 -12.11 10.14
C LEU B 312 6.07 -12.70 11.27
N ALA B 313 5.81 -13.97 11.53
CA ALA B 313 6.37 -14.67 12.68
C ALA B 313 7.87 -14.79 12.68
N LYS B 314 8.46 -15.07 11.52
CA LYS B 314 9.91 -15.27 11.45
C LYS B 314 10.61 -13.96 11.82
N GLY B 315 10.03 -12.86 11.35
CA GLY B 315 10.57 -11.54 11.59
C GLY B 315 10.47 -11.11 13.04
N GLN B 316 9.34 -11.41 13.70
CA GLN B 316 9.18 -11.12 15.13
C GLN B 316 10.15 -11.93 16.01
N ILE B 317 10.32 -13.21 15.68
CA ILE B 317 11.25 -14.09 16.41
C ILE B 317 12.70 -13.58 16.30
N GLY B 318 13.06 -13.14 15.09
CA GLY B 318 14.37 -12.56 14.85
C GLY B 318 14.58 -11.29 15.67
N PHE B 319 13.56 -10.44 15.68
CA PHE B 319 13.61 -9.20 16.45
C PHE B 319 13.76 -9.54 17.96
N ILE B 320 12.93 -10.47 18.42
CA ILE B 320 12.96 -10.88 19.82
C ILE B 320 14.37 -11.39 20.21
N ASP B 321 14.92 -12.31 19.41
CA ASP B 321 16.19 -12.94 19.78
C ASP B 321 17.38 -12.01 19.66
N PHE B 322 17.49 -11.23 18.56
CA PHE B 322 18.62 -10.33 18.51
C PHE B 322 18.50 -9.06 19.34
N VAL B 323 17.29 -8.48 19.46
CA VAL B 323 17.16 -7.13 20.01
C VAL B 323 16.39 -7.12 21.33
N ALA B 324 15.11 -7.41 21.29
CA ALA B 324 14.23 -7.19 22.44
C ALA B 324 14.50 -8.08 23.70
N ALA B 325 14.59 -9.40 23.57
CA ALA B 325 14.78 -10.26 24.75
C ALA B 325 16.05 -9.93 25.55
N PRO B 326 17.21 -9.82 24.88
CA PRO B 326 18.41 -9.34 25.54
C PRO B 326 18.27 -7.99 26.23
N PHE B 327 17.65 -7.06 25.54
CA PHE B 327 17.48 -5.67 26.06
C PHE B 327 16.64 -5.68 27.32
N PHE B 328 15.46 -6.28 27.28
CA PHE B 328 14.62 -6.24 28.45
C PHE B 328 15.22 -7.09 29.57
N GLN B 329 15.76 -8.27 29.25
CA GLN B 329 16.38 -9.12 30.28
C GLN B 329 17.51 -8.37 30.96
N LYS B 330 18.40 -7.73 30.20
CA LYS B 330 19.54 -7.06 30.84
C LYS B 330 19.18 -5.87 31.73
N ILE B 331 18.21 -5.06 31.33
CA ILE B 331 17.84 -3.89 32.15
C ILE B 331 17.02 -4.28 33.37
N VAL B 332 16.18 -5.27 33.23
CA VAL B 332 15.43 -5.78 34.39
C VAL B 332 16.43 -6.34 35.43
N ASP B 333 17.40 -7.12 34.97
CA ASP B 333 18.34 -7.77 35.90
C ASP B 333 19.25 -6.75 36.53
N ALA B 334 19.67 -5.75 35.75
CA ALA B 334 20.63 -4.78 36.23
C ALA B 334 20.02 -3.87 37.26
N CYS B 335 18.74 -3.54 37.11
CA CYS B 335 18.05 -2.74 38.13
C CYS B 335 16.56 -2.49 38.00
N LEU B 336 15.93 -2.73 36.87
CA LEU B 336 14.48 -2.49 36.78
C LEU B 336 13.69 -3.75 37.09
N GLN B 337 13.83 -4.25 38.32
CA GLN B 337 13.18 -5.55 38.73
C GLN B 337 11.66 -5.49 38.62
N GLY B 338 11.05 -4.32 38.82
CA GLY B 338 9.60 -4.17 38.69
C GLY B 338 9.07 -4.39 37.28
N MET B 339 9.96 -4.41 36.27
CA MET B 339 9.55 -4.64 34.86
C MET B 339 9.68 -6.09 34.38
N GLN B 340 9.73 -7.03 35.33
CA GLN B 340 9.94 -8.46 35.02
C GLN B 340 8.89 -8.99 34.05
N TRP B 341 7.64 -8.51 34.10
CA TRP B 341 6.58 -8.99 33.18
C TRP B 341 6.91 -8.86 31.68
N THR B 342 7.73 -7.88 31.34
CA THR B 342 8.13 -7.68 29.97
C THR B 342 8.90 -8.89 29.49
N VAL B 343 9.88 -9.33 30.28
CA VAL B 343 10.66 -10.54 29.97
C VAL B 343 9.73 -11.75 29.85
N ASP B 344 8.80 -11.88 30.80
CA ASP B 344 7.79 -12.96 30.75
C ASP B 344 6.98 -12.94 29.45
N ARG B 345 6.52 -11.76 29.04
CA ARG B 345 5.60 -11.68 27.89
C ARG B 345 6.35 -11.86 26.57
N ILE B 346 7.61 -11.39 26.50
CA ILE B 346 8.44 -11.64 25.32
C ILE B 346 8.58 -13.15 25.11
N LYS B 347 8.96 -13.87 26.17
CA LYS B 347 9.10 -15.33 26.14
C LYS B 347 7.77 -16.00 25.71
N SER B 348 6.66 -15.56 26.29
CA SER B 348 5.36 -16.10 25.91
C SER B 348 4.97 -15.81 24.44
N ASN B 349 5.16 -14.56 24.00
CA ASN B 349 4.93 -14.18 22.61
C ASN B 349 5.86 -14.93 21.66
N ARG B 350 7.13 -15.10 22.01
CA ARG B 350 8.07 -15.85 21.16
C ARG B 350 7.55 -17.26 20.88
N ALA B 351 7.15 -17.98 21.93
CA ALA B 351 6.69 -19.36 21.78
C ALA B 351 5.39 -19.39 20.99
N GLN B 352 4.51 -18.41 21.22
CA GLN B 352 3.33 -18.31 20.38
C GLN B 352 3.66 -18.10 18.87
N TRP B 353 4.68 -17.30 18.52
CA TRP B 353 5.07 -17.14 17.10
C TRP B 353 5.68 -18.44 16.55
N GLU B 354 6.49 -19.11 17.38
CA GLU B 354 7.01 -20.44 17.00
C GLU B 354 5.86 -21.41 16.68
N ARG B 355 4.79 -21.40 17.48
CA ARG B 355 3.60 -22.23 17.23
C ARG B 355 2.86 -21.87 15.93
N VAL B 356 2.91 -20.60 15.53
CA VAL B 356 2.21 -20.20 14.29
C VAL B 356 3.01 -20.62 13.05
N LEU B 357 4.35 -20.63 13.11
CA LEU B 357 5.18 -21.23 12.04
C LEU B 357 4.89 -22.72 11.86
N GLU B 358 4.97 -23.45 12.98
CA GLU B 358 4.93 -24.91 13.01
C GLU B 358 3.66 -25.60 12.43
N THR B 359 2.51 -24.91 12.37
CA THR B 359 1.22 -25.57 11.99
C THR B 359 1.00 -25.86 10.48
C GAI C . -23.55 -22.61 -33.76
N1 GAI C . -23.46 -22.02 -34.95
N2 GAI C . -24.61 -22.50 -33.07
N3 GAI C . -22.53 -23.35 -33.32
C1 D5T D . 0.36 1.87 -16.62
O1 D5T D . -0.05 3.13 -17.16
C2 D5T D . -0.76 3.14 -18.34
C3 D5T D . -1.43 2.06 -18.88
C4 D5T D . -2.12 2.19 -20.07
C5 D5T D . -2.15 3.40 -20.75
C6 D5T D . -2.93 3.58 -22.01
N1 D5T D . -3.08 4.78 -22.49
N2 D5T D . -3.92 4.96 -23.55
C7 D5T D . -4.35 6.37 -23.73
C8 D5T D . -5.09 6.92 -22.52
C9 D5T D . -5.47 8.37 -22.75
N3 D5T D . -4.28 9.17 -23.05
C10 D5T D . -3.79 10.21 -22.33
O2 D5T D . -2.70 10.73 -22.57
C11 D5T D . -4.57 10.75 -21.13
N4 D5T D . -3.76 11.77 -20.41
C12 D5T D . -4.05 13.12 -20.66
O3 D5T D . -4.96 13.43 -21.42
C13 D5T D . -3.23 14.16 -19.96
C14 D5T D . -1.86 13.72 -19.44
C15 D5T D . -1.29 14.76 -18.46
C16 D5T D . -0.85 13.54 -20.59
C17 D5T D . -2.06 12.38 -18.72
C18 D5T D . -2.73 11.34 -19.58
O4 D5T D . -2.36 10.18 -19.56
C19 D5T D . -3.58 8.71 -24.26
C20 D5T D . -3.15 7.25 -24.14
C21 D5T D . -4.35 4.01 -24.44
O5 D5T D . -5.15 4.27 -25.32
C22 D5T D . -3.76 2.65 -24.18
C23 D5T D . -4.49 1.48 -24.84
C24 D5T D . -5.78 1.18 -24.18
C25 D5T D . -6.07 1.58 -22.96
C26 D5T D . -5.12 2.33 -22.10
C27 D5T D . -3.68 2.42 -22.64
C28 D5T D . -1.47 4.49 -20.20
C29 D5T D . -0.77 4.38 -19.01
O6 D5T D . -0.06 5.38 -18.39
C30 D5T D . 0.02 6.67 -18.99
C GAI E . -30.97 0.44 -14.24
N1 GAI E . -32.07 0.84 -14.87
N2 GAI E . -30.83 -0.84 -13.92
N3 GAI E . -30.06 1.27 -13.96
C GAI F . -11.04 -7.29 -1.96
N1 GAI F . -10.31 -6.18 -1.75
N2 GAI F . -12.37 -7.19 -2.04
N3 GAI F . -10.47 -8.43 -2.06
ZN ZN G . -5.87 -3.70 -23.88
MG MG H . -6.70 -2.18 -27.25
C GAI I . -0.75 -2.18 -41.95
N1 GAI I . -1.15 -0.94 -41.86
N2 GAI I . -1.12 -2.97 -42.97
N3 GAI I . 0.02 -2.59 -40.99
MG MG J . 12.08 7.20 15.90
ZN ZN K . 9.31 5.58 17.89
C1 GOL L . 8.47 9.28 44.95
O1 GOL L . 7.36 9.37 45.89
C2 GOL L . 8.07 9.67 43.50
O2 GOL L . 7.17 10.75 43.30
C3 GOL L . 9.33 9.82 42.65
O3 GOL L . 9.03 10.19 41.26
C GAI M . 10.78 30.30 30.78
N1 GAI M . 11.61 30.96 30.10
N2 GAI M . 11.18 29.78 31.93
N3 GAI M . 9.53 30.11 30.35
C GAI N . 12.00 -2.37 41.81
N1 GAI N . 13.06 -1.78 41.39
N2 GAI N . 12.05 -3.46 42.58
N3 GAI N . 10.81 -1.90 41.47
C1 D5T O . 6.10 -4.60 16.00
O1 D5T O . 7.41 -5.12 15.71
C2 D5T O . 8.39 -4.19 15.58
C3 D5T O . 8.39 -2.95 16.20
C4 D5T O . 9.40 -2.04 15.97
C5 D5T O . 10.44 -2.36 15.10
C6 D5T O . 11.54 -1.37 14.87
N1 D5T O . 12.60 -1.79 14.27
N2 D5T O . 13.62 -0.89 14.10
C7 D5T O . 14.95 -1.52 13.86
C8 D5T O . 15.31 -2.62 14.88
C9 D5T O . 16.58 -3.38 14.50
N3 D5T O . 16.46 -3.80 13.10
C10 D5T O . 16.26 -5.04 12.59
O2 D5T O . 15.73 -5.19 11.49
C11 D5T O . 16.68 -6.28 13.35
N4 D5T O . 16.73 -7.47 12.44
C12 D5T O . 15.69 -8.39 12.48
O3 D5T O . 14.55 -8.06 12.74
C13 D5T O . 16.06 -9.82 12.13
C14 D5T O . 17.57 -10.07 12.04
C15 D5T O . 17.85 -11.45 11.43
C16 D5T O . 18.21 -10.01 13.42
C17 D5T O . 18.16 -8.97 11.12
C18 D5T O . 17.76 -7.58 11.51
O4 D5T O . 18.31 -6.60 11.03
C19 D5T O . 16.38 -2.65 12.20
C20 D5T O . 15.04 -2.01 12.43
C21 D5T O . 13.49 0.48 14.11
O5 D5T O . 14.44 1.22 13.98
C22 D5T O . 12.08 0.98 14.35
C23 D5T O . 12.00 2.45 14.78
C24 D5T O . 12.47 2.62 16.19
C25 D5T O . 12.50 1.62 17.06
C26 D5T O . 12.00 0.25 16.77
C27 D5T O . 11.37 0.06 15.35
C28 D5T O . 10.45 -3.61 14.46
C29 D5T O . 9.42 -4.52 14.69
O6 D5T O . 9.30 -5.76 14.11
C30 D5T O . 10.39 -6.28 13.33
#